data_8A9C
#
_entry.id   8A9C
#
_cell.length_a   89.673
_cell.length_b   72.559
_cell.length_c   91.438
_cell.angle_alpha   90.00
_cell.angle_beta   108.46
_cell.angle_gamma   90.00
#
_symmetry.space_group_name_H-M   'P 1 21 1'
#
loop_
_entity.id
_entity.type
_entity.pdbx_description
1 polymer '1-deoxy-D-xylulose-5-phosphate synthase'
2 non-polymer 'THIAMINE DIPHOSPHATE'
3 non-polymer 'MAGNESIUM ION'
4 water water
#
_entity_poly.entity_id   1
_entity_poly.type   'polypeptide(L)'
_entity_poly.pdbx_seq_one_letter_code
;MSFDIAKYPTLALVDSTQELRLLPKESLPKLCDELRRYLLDSVSRSSGHFASGLGTVELTVALHYVYNTPFDRLIWDVGH
QAYPHKILTGRRDKIGTIRQKGGLHPFPWRGESEYDVLSVGHSSTSISAGIGVAIAAAKEDKQRRAVCVIGDGAITAGMA
FEAMNHAGDIKPDLLVVLNDNEMSISENVGALNNHLAGGGGGGGPGTLFEELGFNYIGPVDGHDVLGLVSTLKNMRDLKG
PQFLHIMTKKGRGYEPAEKDPITFHAVPKFDHTSGVLPKSSGGLPSYSKIFGDWLCETAAKDNKLMAITPAMREGSGMVE
FSKKFPDRYFDVAIAEQHAVTFAAGLAIGDYKPVVAIYSTFLQRAYDQVIHDVAIQKLPVLFAIDRAGIVGADGQTHQGA
FDLSFLRCIPDMVVMTPSDENECRQMLYTGYHYSDGPCAVRYPRGSGTGATLEPLASLPIGKGVVKRQGEKIAILNFGTL
LPEAAAVADKLNATLVDMRFVKPLDTALILQLAGEHDALVTLEENAIMGGAGSGVNEVLMAHRRAVPVLNIGLPDYFIPQ
GTQEEIRADLGLDAAGIEAKIRDWLA
;
_entity_poly.pdbx_strand_id   A,B
#
loop_
_chem_comp.id
_chem_comp.type
_chem_comp.name
_chem_comp.formula
MG non-polymer 'MAGNESIUM ION' 'Mg 2'
TPP non-polymer 'THIAMINE DIPHOSPHATE' 'C12 H19 N4 O7 P2 S 1'
#
# COMPACT_ATOMS: atom_id res chain seq x y z
N PHE A 3 18.04 -12.13 -39.34
CA PHE A 3 16.77 -11.64 -39.89
C PHE A 3 16.66 -11.94 -41.38
N ASP A 4 15.55 -12.56 -41.81
CA ASP A 4 15.40 -13.04 -43.19
C ASP A 4 14.68 -11.92 -43.95
N ILE A 5 15.46 -11.00 -44.53
CA ILE A 5 14.88 -9.83 -45.20
C ILE A 5 13.94 -10.25 -46.32
N ALA A 6 14.17 -11.42 -46.93
CA ALA A 6 13.29 -11.86 -48.01
C ALA A 6 11.96 -12.36 -47.47
N LYS A 7 11.93 -12.84 -46.24
CA LYS A 7 10.68 -13.34 -45.67
C LYS A 7 9.76 -12.20 -45.26
N TYR A 8 10.34 -11.12 -44.77
CA TYR A 8 9.61 -10.01 -44.19
C TYR A 8 10.08 -8.74 -44.85
N PRO A 9 9.80 -8.58 -46.15
CA PRO A 9 10.42 -7.48 -46.90
C PRO A 9 9.91 -6.12 -46.49
N THR A 10 8.73 -6.04 -45.87
CA THR A 10 8.23 -4.74 -45.44
C THR A 10 8.73 -4.42 -44.02
N LEU A 11 8.66 -5.41 -43.13
CA LEU A 11 9.26 -5.25 -41.81
C LEU A 11 10.74 -4.90 -41.93
N ALA A 12 11.42 -5.49 -42.90
CA ALA A 12 12.82 -5.16 -43.14
C ALA A 12 13.06 -3.66 -43.35
N LEU A 13 12.04 -2.89 -43.76
CA LEU A 13 12.27 -1.48 -44.09
C LEU A 13 12.18 -0.57 -42.88
N VAL A 14 11.69 -1.06 -41.73
CA VAL A 14 11.30 -0.15 -40.66
C VAL A 14 12.05 -0.51 -39.38
N ASP A 15 13.38 -0.56 -39.47
CA ASP A 15 14.22 -0.81 -38.29
C ASP A 15 13.97 0.22 -37.19
N SER A 16 13.75 1.49 -37.57
CA SER A 16 13.45 2.55 -36.61
C SER A 16 12.03 3.05 -36.85
N THR A 17 11.44 3.67 -35.82
CA THR A 17 10.10 4.21 -36.06
C THR A 17 10.16 5.45 -36.96
N GLN A 18 11.30 6.12 -37.03
CA GLN A 18 11.43 7.22 -37.99
C GLN A 18 11.23 6.68 -39.41
N GLU A 19 11.76 5.49 -39.70
CA GLU A 19 11.57 4.92 -41.02
C GLU A 19 10.14 4.44 -41.20
N LEU A 20 9.58 3.88 -40.15
CA LEU A 20 8.17 3.49 -40.19
C LEU A 20 7.30 4.65 -40.64
N ARG A 21 7.54 5.85 -40.11
CA ARG A 21 6.70 7.01 -40.43
C ARG A 21 6.86 7.46 -41.87
N LEU A 22 7.85 6.95 -42.59
CA LEU A 22 8.04 7.32 -43.99
C LEU A 22 7.39 6.35 -44.97
N LEU A 23 6.94 5.20 -44.49
CA LEU A 23 6.24 4.23 -45.34
C LEU A 23 4.95 4.81 -45.88
N PRO A 24 4.62 4.58 -47.15
CA PRO A 24 3.29 4.93 -47.63
C PRO A 24 2.27 4.18 -46.79
N LYS A 25 1.16 4.86 -46.47
CA LYS A 25 0.11 4.25 -45.64
C LYS A 25 -0.36 2.90 -46.20
N GLU A 26 -0.40 2.80 -47.53
CA GLU A 26 -0.86 1.61 -48.25
C GLU A 26 -0.04 0.38 -47.92
N SER A 27 1.17 0.56 -47.40
CA SER A 27 2.02 -0.57 -47.02
C SER A 27 1.77 -1.09 -45.62
N LEU A 28 0.95 -0.41 -44.84
CA LEU A 28 0.84 -0.76 -43.43
C LEU A 28 0.11 -2.07 -43.20
N PRO A 29 -0.94 -2.41 -43.93
CA PRO A 29 -1.56 -3.74 -43.67
C PRO A 29 -0.59 -4.88 -43.93
N LYS A 30 0.20 -4.81 -45.00
CA LYS A 30 1.22 -5.83 -45.26
C LYS A 30 2.26 -5.85 -44.14
N LEU A 31 2.73 -4.68 -43.70
CA LEU A 31 3.61 -4.66 -42.54
C LEU A 31 2.99 -5.38 -41.33
N CYS A 32 1.70 -5.13 -41.06
CA CYS A 32 1.06 -5.79 -39.91
C CYS A 32 1.04 -7.30 -40.07
N ASP A 33 0.70 -7.78 -41.26
CA ASP A 33 0.79 -9.21 -41.52
C ASP A 33 2.19 -9.73 -41.25
N GLU A 34 3.22 -9.04 -41.75
CA GLU A 34 4.58 -9.54 -41.56
C GLU A 34 4.96 -9.55 -40.09
N LEU A 35 4.59 -8.49 -39.37
CA LEU A 35 4.91 -8.39 -37.94
C LEU A 35 4.21 -9.48 -37.15
N ARG A 36 2.96 -9.78 -37.49
CA ARG A 36 2.25 -10.89 -36.84
C ARG A 36 2.94 -12.23 -37.12
N ARG A 37 3.37 -12.49 -38.39
CA ARG A 37 4.11 -13.72 -38.70
C ARG A 37 5.45 -13.77 -37.98
N TYR A 38 6.18 -12.65 -37.96
CA TYR A 38 7.47 -12.63 -37.30
C TYR A 38 7.35 -12.94 -35.80
N LEU A 39 6.33 -12.39 -35.13
CA LEU A 39 6.09 -12.73 -33.73
C LEU A 39 5.82 -14.22 -33.56
N LEU A 40 4.94 -14.78 -34.38
CA LEU A 40 4.69 -16.21 -34.28
C LEU A 40 5.96 -16.99 -34.50
N ASP A 41 6.80 -16.55 -35.43
CA ASP A 41 7.98 -17.34 -35.78
C ASP A 41 9.12 -17.23 -34.77
N SER A 42 9.06 -16.27 -33.85
CA SER A 42 10.24 -15.76 -33.17
C SER A 42 10.19 -15.87 -31.65
N VAL A 43 9.02 -15.79 -31.04
CA VAL A 43 8.91 -15.82 -29.59
C VAL A 43 8.57 -17.22 -29.14
N SER A 44 9.23 -17.67 -28.07
CA SER A 44 9.16 -19.04 -27.62
C SER A 44 7.88 -19.30 -26.85
N ARG A 45 7.49 -20.56 -26.80
CA ARG A 45 6.27 -20.95 -26.11
C ARG A 45 6.47 -21.04 -24.60
N HIS A 49 -0.38 -17.59 -24.21
CA HIS A 49 0.87 -16.99 -23.75
C HIS A 49 1.03 -15.53 -24.22
N PHE A 50 1.03 -15.27 -25.53
CA PHE A 50 1.17 -13.87 -25.96
C PHE A 50 0.08 -13.48 -26.96
N ALA A 51 -1.15 -13.99 -26.79
CA ALA A 51 -2.25 -13.64 -27.69
C ALA A 51 -2.52 -12.13 -27.70
N SER A 52 -2.38 -11.46 -26.56
CA SER A 52 -2.61 -10.00 -26.59
C SER A 52 -1.49 -9.28 -27.32
N GLY A 53 -0.30 -9.87 -27.39
CA GLY A 53 0.71 -9.30 -28.28
C GLY A 53 0.32 -9.40 -29.74
N LEU A 54 -0.15 -10.58 -30.16
CA LEU A 54 -0.64 -10.70 -31.53
C LEU A 54 -1.80 -9.72 -31.80
N GLY A 55 -2.71 -9.59 -30.84
CA GLY A 55 -3.91 -8.79 -31.00
C GLY A 55 -3.67 -7.29 -31.02
N THR A 56 -2.50 -6.82 -30.56
CA THR A 56 -2.17 -5.40 -30.56
C THR A 56 -1.20 -5.02 -31.69
N VAL A 57 -1.00 -5.91 -32.67
CA VAL A 57 -0.08 -5.57 -33.77
C VAL A 57 -0.55 -4.31 -34.52
N GLU A 58 -1.83 -4.27 -34.92
CA GLU A 58 -2.29 -3.12 -35.73
C GLU A 58 -2.26 -1.82 -34.92
N LEU A 59 -2.67 -1.89 -33.66
CA LEU A 59 -2.61 -0.71 -32.81
C LEU A 59 -1.18 -0.20 -32.66
N THR A 60 -0.23 -1.11 -32.49
CA THR A 60 1.15 -0.68 -32.26
C THR A 60 1.71 0.02 -33.50
N VAL A 61 1.47 -0.57 -34.66
CA VAL A 61 1.93 0.06 -35.90
C VAL A 61 1.31 1.43 -36.04
N ALA A 62 0.00 1.52 -35.82
CA ALA A 62 -0.68 2.82 -35.97
C ALA A 62 -0.11 3.83 -35.00
N LEU A 63 0.13 3.43 -33.73
CA LEU A 63 0.61 4.40 -32.75
C LEU A 63 1.96 4.97 -33.14
N HIS A 64 2.93 4.09 -33.52
CA HIS A 64 4.26 4.61 -33.84
C HIS A 64 4.30 5.28 -35.22
N TYR A 65 3.30 5.01 -36.05
CA TYR A 65 3.18 5.72 -37.34
C TYR A 65 2.68 7.13 -37.16
N VAL A 66 1.83 7.35 -36.15
CA VAL A 66 1.16 8.63 -35.95
C VAL A 66 1.91 9.51 -34.93
N TYR A 67 2.31 8.94 -33.80
CA TYR A 67 3.04 9.67 -32.78
C TYR A 67 4.52 9.74 -33.09
N ASN A 68 5.13 10.88 -32.77
CA ASN A 68 6.55 11.10 -33.06
C ASN A 68 7.41 10.51 -31.95
N THR A 69 7.33 9.19 -31.81
CA THR A 69 8.10 8.51 -30.78
C THR A 69 9.57 8.47 -31.20
N PRO A 70 10.53 8.57 -30.24
CA PRO A 70 10.39 8.52 -28.77
C PRO A 70 10.20 9.92 -28.15
N PHE A 71 10.11 10.98 -28.96
CA PHE A 71 9.82 12.30 -28.41
C PHE A 71 8.42 12.36 -27.81
N ASP A 72 7.38 12.14 -28.63
CA ASP A 72 6.08 11.88 -28.05
C ASP A 72 6.17 10.64 -27.19
N ARG A 73 5.38 10.60 -26.11
CA ARG A 73 5.50 9.57 -25.08
C ARG A 73 4.33 8.60 -25.17
N LEU A 74 4.65 7.35 -25.45
CA LEU A 74 3.70 6.25 -25.51
C LEU A 74 3.94 5.36 -24.29
N ILE A 75 2.94 5.24 -23.43
CA ILE A 75 3.08 4.51 -22.15
C ILE A 75 2.21 3.27 -22.26
N TRP A 76 2.82 2.10 -22.15
CA TRP A 76 2.06 0.86 -22.15
C TRP A 76 1.71 0.49 -20.71
N ASP A 77 0.43 0.22 -20.44
CA ASP A 77 0.08 -0.54 -19.23
C ASP A 77 0.55 -2.00 -19.36
N VAL A 78 0.68 -2.67 -18.24
CA VAL A 78 1.23 -4.03 -18.31
C VAL A 78 0.56 -4.93 -19.37
N GLY A 79 1.32 -5.87 -19.93
CA GLY A 79 0.76 -6.99 -20.68
C GLY A 79 1.59 -7.31 -21.92
N HIS A 80 1.36 -8.48 -22.48
CA HIS A 80 2.06 -8.81 -23.70
C HIS A 80 1.61 -7.94 -24.87
N GLN A 81 0.68 -7.02 -24.62
CA GLN A 81 0.29 -6.09 -25.66
C GLN A 81 1.52 -5.37 -26.20
N ALA A 82 2.60 -5.29 -25.41
CA ALA A 82 3.78 -4.50 -25.78
C ALA A 82 4.87 -5.28 -26.49
N TYR A 83 4.65 -6.57 -26.88
CA TYR A 83 5.68 -7.27 -27.63
C TYR A 83 5.95 -6.62 -29.00
N PRO A 84 4.95 -6.39 -29.84
CA PRO A 84 5.22 -5.72 -31.14
C PRO A 84 5.95 -4.40 -30.97
N HIS A 85 5.63 -3.66 -29.92
CA HIS A 85 6.35 -2.43 -29.59
C HIS A 85 7.85 -2.66 -29.54
N LYS A 86 8.28 -3.72 -28.83
CA LYS A 86 9.72 -3.97 -28.76
C LYS A 86 10.32 -4.30 -30.12
N ILE A 87 9.57 -5.02 -30.96
CA ILE A 87 10.08 -5.38 -32.27
C ILE A 87 10.30 -4.12 -33.11
N LEU A 88 9.45 -3.12 -32.96
CA LEU A 88 9.53 -1.92 -33.81
C LEU A 88 10.48 -0.88 -33.25
N THR A 89 10.97 -1.08 -32.03
CA THR A 89 11.83 -0.11 -31.38
C THR A 89 13.19 -0.74 -31.10
N GLY A 90 13.75 -1.41 -32.10
CA GLY A 90 15.15 -1.78 -32.04
C GLY A 90 15.49 -3.09 -31.38
N ARG A 91 14.51 -3.89 -30.99
CA ARG A 91 14.81 -5.11 -30.24
C ARG A 91 14.30 -6.35 -30.96
N ARG A 92 14.00 -6.19 -32.25
CA ARG A 92 13.50 -7.29 -33.08
C ARG A 92 14.33 -8.55 -32.94
N ASP A 93 15.65 -8.43 -33.06
CA ASP A 93 16.44 -9.65 -33.09
C ASP A 93 16.70 -10.22 -31.71
N LYS A 94 16.16 -9.60 -30.66
CA LYS A 94 16.33 -10.11 -29.31
C LYS A 94 15.03 -10.63 -28.73
N ILE A 95 13.94 -10.56 -29.50
CA ILE A 95 12.64 -10.88 -28.95
C ILE A 95 12.58 -12.32 -28.45
N GLY A 96 13.42 -13.21 -28.97
CA GLY A 96 13.45 -14.59 -28.49
C GLY A 96 14.11 -14.76 -27.12
N THR A 97 14.73 -13.72 -26.58
CA THR A 97 15.33 -13.78 -25.25
C THR A 97 14.40 -13.32 -24.14
N ILE A 98 13.14 -13.00 -24.46
CA ILE A 98 12.25 -12.42 -23.45
C ILE A 98 12.15 -13.33 -22.25
N ARG A 99 12.20 -12.73 -21.04
CA ARG A 99 12.10 -13.41 -19.74
C ARG A 99 13.32 -14.28 -19.40
N GLN A 100 14.33 -14.38 -20.26
CA GLN A 100 15.54 -15.13 -19.95
C GLN A 100 16.50 -14.28 -19.11
N LYS A 101 17.30 -14.93 -18.24
CA LYS A 101 18.36 -14.18 -17.57
C LYS A 101 19.22 -13.46 -18.61
N GLY A 102 19.44 -12.16 -18.37
CA GLY A 102 20.20 -11.38 -19.32
C GLY A 102 19.48 -11.00 -20.60
N GLY A 103 18.21 -11.39 -20.74
CA GLY A 103 17.46 -11.18 -21.96
C GLY A 103 16.58 -9.95 -21.81
N LEU A 104 15.75 -9.73 -22.81
CA LEU A 104 14.86 -8.58 -22.72
C LEU A 104 13.86 -8.76 -21.59
N HIS A 105 13.42 -7.65 -21.02
CA HIS A 105 12.36 -7.66 -20.03
C HIS A 105 11.05 -8.10 -20.67
N PRO A 106 10.17 -8.71 -19.90
CA PRO A 106 8.84 -9.06 -20.42
C PRO A 106 8.02 -7.89 -20.86
N PHE A 107 8.18 -6.76 -20.20
CA PHE A 107 7.39 -5.56 -20.42
C PHE A 107 8.33 -4.41 -20.61
N PRO A 108 7.83 -3.26 -21.03
CA PRO A 108 8.73 -2.12 -21.19
C PRO A 108 9.46 -1.80 -19.90
N TRP A 109 10.73 -1.44 -20.07
CA TRP A 109 11.66 -1.19 -18.98
C TRP A 109 12.44 0.07 -19.35
N ARG A 110 12.37 1.09 -18.50
CA ARG A 110 12.98 2.37 -18.83
C ARG A 110 14.47 2.19 -19.18
N GLY A 111 15.18 1.37 -18.40
CA GLY A 111 16.59 1.22 -18.75
C GLY A 111 16.86 0.53 -20.07
N GLU A 112 15.86 -0.13 -20.64
CA GLU A 112 16.14 -0.94 -21.84
C GLU A 112 16.10 -0.12 -23.14
N SER A 113 15.31 0.95 -23.15
CA SER A 113 15.09 1.68 -24.39
C SER A 113 14.53 3.08 -24.09
N GLU A 114 15.00 4.06 -24.88
CA GLU A 114 14.38 5.39 -24.89
C GLU A 114 12.92 5.31 -25.27
N TYR A 115 12.51 4.25 -25.95
CA TYR A 115 11.11 4.05 -26.32
C TYR A 115 10.25 3.48 -25.19
N ASP A 116 10.83 3.10 -24.04
CA ASP A 116 10.07 2.56 -22.92
C ASP A 116 9.95 3.66 -21.88
N VAL A 117 8.77 4.27 -21.79
CA VAL A 117 8.63 5.50 -21.01
C VAL A 117 8.52 5.19 -19.53
N LEU A 118 7.86 4.08 -19.22
CA LEU A 118 7.54 3.69 -17.83
C LEU A 118 7.79 2.20 -17.70
N SER A 119 8.53 1.78 -16.66
CA SER A 119 8.63 0.34 -16.43
C SER A 119 7.31 -0.14 -15.83
N VAL A 120 6.72 -1.20 -16.39
CA VAL A 120 5.45 -1.69 -15.87
C VAL A 120 5.60 -3.18 -15.54
N GLY A 121 4.57 -3.73 -14.92
CA GLY A 121 4.59 -5.12 -14.46
C GLY A 121 3.38 -5.25 -13.54
N HIS A 122 3.33 -4.45 -12.48
CA HIS A 122 2.03 -4.21 -11.89
C HIS A 122 1.15 -3.50 -12.90
N SER A 123 -0.16 -3.65 -12.75
CA SER A 123 -1.11 -3.08 -13.72
C SER A 123 -1.63 -1.69 -13.29
N SER A 124 -2.25 -0.99 -14.26
CA SER A 124 -3.10 0.18 -14.01
C SER A 124 -2.33 1.43 -13.67
N THR A 125 -1.02 1.45 -13.90
CA THR A 125 -0.21 2.62 -13.56
C THR A 125 -0.12 3.61 -14.73
N SER A 126 -0.53 3.21 -15.94
CA SER A 126 -0.25 4.01 -17.14
C SER A 126 -1.02 5.32 -17.13
N ILE A 127 -2.29 5.32 -16.72
CA ILE A 127 -3.02 6.56 -16.87
C ILE A 127 -2.47 7.60 -15.92
N SER A 128 -2.17 7.18 -14.69
CA SER A 128 -1.64 8.13 -13.71
C SER A 128 -0.33 8.73 -14.21
N ALA A 129 0.60 7.86 -14.66
CA ALA A 129 1.88 8.37 -15.14
C ALA A 129 1.66 9.25 -16.38
N GLY A 130 0.72 8.84 -17.25
CA GLY A 130 0.39 9.61 -18.46
C GLY A 130 -0.14 11.00 -18.14
N ILE A 131 -0.94 11.13 -17.08
CA ILE A 131 -1.37 12.47 -16.68
C ILE A 131 -0.16 13.34 -16.28
N GLY A 132 0.77 12.78 -15.48
CA GLY A 132 1.97 13.55 -15.14
C GLY A 132 2.77 13.94 -16.39
N VAL A 133 2.96 12.99 -17.31
CA VAL A 133 3.73 13.27 -18.52
C VAL A 133 3.06 14.38 -19.34
N ALA A 134 1.72 14.34 -19.42
CA ALA A 134 0.99 15.30 -20.24
C ALA A 134 1.02 16.69 -19.64
N ILE A 135 0.84 16.77 -18.30
CA ILE A 135 0.96 18.06 -17.62
C ILE A 135 2.37 18.62 -17.84
N ALA A 136 3.40 17.77 -17.68
CA ALA A 136 4.76 18.24 -17.96
C ALA A 136 4.90 18.71 -19.39
N ALA A 137 4.33 17.97 -20.34
CA ALA A 137 4.45 18.33 -21.75
C ALA A 137 3.83 19.70 -22.02
N ALA A 138 2.70 19.98 -21.39
CA ALA A 138 2.07 21.29 -21.60
C ALA A 138 2.97 22.42 -21.09
N LYS A 139 3.61 22.23 -19.94
CA LYS A 139 4.46 23.29 -19.39
C LYS A 139 5.75 23.41 -20.18
N GLU A 140 6.24 22.30 -20.74
CA GLU A 140 7.43 22.35 -21.56
C GLU A 140 7.18 23.15 -22.84
N ASP A 141 5.97 23.08 -23.35
CA ASP A 141 5.55 23.95 -24.46
C ASP A 141 6.36 23.69 -25.73
N LYS A 142 6.70 22.41 -25.95
CA LYS A 142 7.29 21.96 -27.21
C LYS A 142 6.36 21.07 -28.01
N GLN A 143 5.07 21.04 -27.68
CA GLN A 143 4.10 20.29 -28.44
C GLN A 143 4.37 18.77 -28.39
N ARG A 144 5.03 18.29 -27.35
CA ARG A 144 5.13 16.86 -27.12
C ARG A 144 3.74 16.29 -26.77
N ARG A 145 3.39 15.14 -27.34
CA ARG A 145 2.10 14.51 -27.08
C ARG A 145 2.31 13.25 -26.25
N ALA A 146 1.22 12.85 -25.58
CA ALA A 146 1.18 11.74 -24.64
C ALA A 146 -0.01 10.83 -24.95
N VAL A 147 0.25 9.52 -24.97
CA VAL A 147 -0.75 8.48 -25.12
C VAL A 147 -0.40 7.35 -24.19
N CYS A 148 -1.44 6.71 -23.66
CA CYS A 148 -1.21 5.45 -22.95
C CYS A 148 -2.21 4.43 -23.41
N VAL A 149 -1.85 3.15 -23.22
CA VAL A 149 -2.64 2.05 -23.73
C VAL A 149 -2.89 1.12 -22.53
N ILE A 150 -4.15 0.91 -22.16
CA ILE A 150 -4.48 0.18 -20.94
C ILE A 150 -5.46 -0.93 -21.28
N GLY A 151 -5.25 -2.16 -20.66
CA GLY A 151 -6.12 -3.26 -20.95
C GLY A 151 -7.40 -3.19 -20.15
N ASP A 152 -8.37 -4.04 -20.51
CA ASP A 152 -9.63 -3.89 -19.78
C ASP A 152 -9.57 -4.49 -18.37
N GLY A 153 -8.68 -5.43 -18.09
CA GLY A 153 -8.50 -5.80 -16.69
C GLY A 153 -7.93 -4.64 -15.88
N ALA A 154 -6.91 -3.97 -16.44
CA ALA A 154 -6.19 -2.97 -15.64
C ALA A 154 -7.10 -1.81 -15.26
N ILE A 155 -8.09 -1.52 -16.09
CA ILE A 155 -8.95 -0.37 -15.85
C ILE A 155 -9.93 -0.66 -14.70
N THR A 156 -9.91 -1.87 -14.13
CA THR A 156 -10.71 -2.08 -12.93
C THR A 156 -10.01 -1.61 -11.64
N ALA A 157 -8.76 -1.20 -11.68
CA ALA A 157 -8.08 -0.92 -10.41
C ALA A 157 -8.45 0.47 -9.90
N GLY A 158 -8.45 0.60 -8.57
CA GLY A 158 -8.76 1.88 -7.94
C GLY A 158 -7.91 3.00 -8.47
N MET A 159 -6.61 2.75 -8.68
CA MET A 159 -5.78 3.90 -9.06
C MET A 159 -6.08 4.36 -10.49
N ALA A 160 -6.59 3.46 -11.37
CA ALA A 160 -7.05 3.92 -12.67
C ALA A 160 -8.27 4.82 -12.57
N PHE A 161 -9.22 4.47 -11.71
CA PHE A 161 -10.32 5.39 -11.46
C PHE A 161 -9.84 6.73 -10.88
N GLU A 162 -8.95 6.67 -9.89
CA GLU A 162 -8.45 7.94 -9.35
C GLU A 162 -7.85 8.79 -10.46
N ALA A 163 -7.07 8.17 -11.33
CA ALA A 163 -6.43 8.88 -12.44
C ALA A 163 -7.48 9.48 -13.36
N MET A 164 -8.46 8.69 -13.78
CA MET A 164 -9.48 9.22 -14.72
C MET A 164 -10.27 10.34 -14.09
N ASN A 165 -10.59 10.22 -12.78
CA ASN A 165 -11.31 11.30 -12.12
C ASN A 165 -10.48 12.58 -12.13
N HIS A 166 -9.19 12.44 -11.83
CA HIS A 166 -8.29 13.59 -11.85
C HIS A 166 -8.20 14.18 -13.25
N ALA A 167 -8.12 13.32 -14.29
CA ALA A 167 -8.07 13.86 -15.65
C ALA A 167 -9.31 14.67 -15.97
N GLY A 168 -10.48 14.20 -15.51
CA GLY A 168 -11.71 14.96 -15.72
C GLY A 168 -11.71 16.30 -15.03
N ASP A 169 -10.96 16.42 -13.94
CA ASP A 169 -10.83 17.66 -13.17
C ASP A 169 -9.87 18.63 -13.89
N ILE A 170 -8.61 18.25 -14.06
CA ILE A 170 -7.63 19.21 -14.57
C ILE A 170 -7.45 19.16 -16.07
N LYS A 171 -8.00 18.15 -16.74
CA LYS A 171 -8.11 18.14 -18.21
C LYS A 171 -6.76 18.20 -18.93
N PRO A 172 -5.88 17.25 -18.64
CA PRO A 172 -4.62 17.13 -19.36
C PRO A 172 -4.88 16.77 -20.83
N ASP A 173 -3.92 17.10 -21.67
CA ASP A 173 -3.95 16.64 -23.08
C ASP A 173 -3.37 15.23 -23.15
N LEU A 174 -4.21 14.25 -22.87
CA LEU A 174 -3.78 12.85 -22.80
C LEU A 174 -4.78 12.02 -23.58
N LEU A 175 -4.29 11.12 -24.43
CA LEU A 175 -5.12 10.10 -25.04
C LEU A 175 -4.97 8.82 -24.26
N VAL A 176 -6.06 8.25 -23.80
CA VAL A 176 -6.09 6.91 -23.19
C VAL A 176 -6.71 5.97 -24.22
N VAL A 177 -6.00 4.90 -24.58
CA VAL A 177 -6.55 3.87 -25.46
C VAL A 177 -6.89 2.66 -24.61
N LEU A 178 -8.17 2.27 -24.58
CA LEU A 178 -8.61 1.07 -23.89
C LEU A 178 -8.53 -0.11 -24.87
N ASN A 179 -7.58 -1.02 -24.64
CA ASN A 179 -7.35 -2.15 -25.53
C ASN A 179 -8.10 -3.36 -25.01
N ASP A 180 -9.28 -3.68 -25.58
CA ASP A 180 -9.95 -4.93 -25.17
C ASP A 180 -9.18 -6.21 -25.51
N ASN A 181 -8.04 -6.16 -26.19
CA ASN A 181 -7.30 -7.40 -26.44
C ASN A 181 -6.47 -7.79 -25.21
N GLU A 182 -6.05 -6.82 -24.37
CA GLU A 182 -5.18 -7.09 -23.23
C GLU A 182 -6.01 -7.40 -21.98
N MET A 183 -5.68 -8.53 -21.30
CA MET A 183 -6.36 -8.85 -20.05
C MET A 183 -5.66 -8.28 -18.82
N SER A 184 -4.36 -7.96 -18.92
CA SER A 184 -3.61 -7.28 -17.87
C SER A 184 -3.20 -8.16 -16.69
N ILE A 185 -3.12 -9.47 -16.82
CA ILE A 185 -2.79 -10.28 -15.65
C ILE A 185 -1.73 -11.32 -15.99
N SER A 186 -1.11 -11.85 -14.92
CA SER A 186 -0.19 -13.00 -14.98
C SER A 186 0.82 -12.92 -16.13
N GLY A 204 -24.23 3.32 -23.82
CA GLY A 204 -23.42 2.12 -23.97
C GLY A 204 -22.06 2.04 -23.28
N PRO A 205 -21.06 1.51 -23.99
CA PRO A 205 -19.76 1.27 -23.34
C PRO A 205 -19.05 2.53 -22.89
N GLY A 206 -19.39 3.69 -23.43
CA GLY A 206 -18.57 4.86 -23.13
C GLY A 206 -19.11 5.73 -22.01
N THR A 207 -20.31 5.44 -21.51
CA THR A 207 -20.93 6.37 -20.57
C THR A 207 -20.04 6.59 -19.34
N LEU A 208 -19.42 5.54 -18.83
CA LEU A 208 -18.56 5.67 -17.64
C LEU A 208 -17.41 6.65 -17.86
N PHE A 209 -16.70 6.49 -18.97
CA PHE A 209 -15.57 7.35 -19.25
C PHE A 209 -16.03 8.76 -19.56
N GLU A 210 -17.20 8.93 -20.21
CA GLU A 210 -17.74 10.26 -20.42
C GLU A 210 -18.10 10.92 -19.10
N GLU A 211 -18.69 10.14 -18.18
CA GLU A 211 -19.05 10.73 -16.87
C GLU A 211 -17.81 11.13 -16.11
N LEU A 212 -16.71 10.39 -16.27
CA LEU A 212 -15.45 10.74 -15.62
C LEU A 212 -14.76 11.94 -16.28
N GLY A 213 -15.25 12.38 -17.42
CA GLY A 213 -14.82 13.64 -18.00
C GLY A 213 -14.05 13.50 -19.31
N PHE A 214 -14.03 12.31 -19.92
CA PHE A 214 -13.32 12.11 -21.18
C PHE A 214 -14.22 12.32 -22.40
N ASN A 215 -13.62 12.80 -23.47
CA ASN A 215 -14.22 12.65 -24.80
C ASN A 215 -14.01 11.21 -25.29
N TYR A 216 -15.09 10.48 -25.52
CA TYR A 216 -15.05 9.04 -25.80
C TYR A 216 -15.34 8.77 -27.29
N ILE A 217 -14.47 7.98 -27.92
CA ILE A 217 -14.63 7.51 -29.30
C ILE A 217 -14.59 6.00 -29.31
N GLY A 218 -15.48 5.38 -30.07
CA GLY A 218 -15.48 3.94 -30.21
C GLY A 218 -16.79 3.33 -29.77
N PRO A 219 -16.79 2.00 -29.61
CA PRO A 219 -15.66 1.06 -29.83
C PRO A 219 -15.30 0.99 -31.31
N VAL A 220 -14.02 0.97 -31.68
CA VAL A 220 -13.58 0.90 -33.06
C VAL A 220 -12.91 -0.45 -33.27
N ASP A 221 -12.71 -0.79 -34.54
CA ASP A 221 -12.05 -2.04 -34.97
C ASP A 221 -10.55 -1.91 -34.72
N GLY A 222 -10.06 -2.66 -33.71
CA GLY A 222 -8.66 -2.62 -33.37
C GLY A 222 -7.78 -3.37 -34.35
N HIS A 223 -8.36 -4.01 -35.35
CA HIS A 223 -7.55 -4.72 -36.32
C HIS A 223 -7.54 -4.03 -37.68
N ASP A 224 -7.97 -2.78 -37.76
CA ASP A 224 -8.04 -2.03 -39.01
C ASP A 224 -6.94 -0.98 -38.88
N VAL A 225 -5.75 -1.29 -39.41
CA VAL A 225 -4.62 -0.42 -39.15
C VAL A 225 -4.86 0.97 -39.76
N LEU A 226 -5.46 1.02 -40.95
CA LEU A 226 -5.66 2.33 -41.59
C LEU A 226 -6.75 3.12 -40.88
N GLY A 227 -7.79 2.44 -40.40
CA GLY A 227 -8.78 3.12 -39.60
C GLY A 227 -8.19 3.69 -38.32
N LEU A 228 -7.27 2.94 -37.70
CA LEU A 228 -6.65 3.43 -36.48
C LEU A 228 -5.73 4.62 -36.73
N VAL A 229 -4.95 4.57 -37.82
CA VAL A 229 -4.08 5.70 -38.15
C VAL A 229 -4.91 6.96 -38.28
N SER A 230 -6.02 6.89 -39.03
CA SER A 230 -6.86 8.06 -39.23
C SER A 230 -7.45 8.57 -37.90
N THR A 231 -7.96 7.66 -37.08
CA THR A 231 -8.53 8.07 -35.80
C THR A 231 -7.49 8.63 -34.86
N LEU A 232 -6.32 8.00 -34.80
CA LEU A 232 -5.29 8.46 -33.87
C LEU A 232 -4.72 9.79 -34.34
N LYS A 233 -4.54 9.97 -35.66
CA LYS A 233 -4.05 11.28 -36.10
C LYS A 233 -4.97 12.39 -35.62
N ASN A 234 -6.29 12.19 -35.73
CA ASN A 234 -7.20 13.23 -35.26
C ASN A 234 -7.17 13.38 -33.73
N MET A 235 -7.22 12.28 -32.99
CA MET A 235 -7.31 12.37 -31.53
C MET A 235 -6.03 12.92 -30.92
N ARG A 236 -4.88 12.62 -31.53
CA ARG A 236 -3.61 13.18 -31.08
C ARG A 236 -3.62 14.71 -31.06
N ASP A 237 -4.37 15.31 -31.99
CA ASP A 237 -4.42 16.77 -32.12
C ASP A 237 -5.49 17.43 -31.26
N LEU A 238 -6.36 16.66 -30.63
CA LEU A 238 -7.41 17.30 -29.85
C LEU A 238 -6.86 17.66 -28.49
N LYS A 239 -7.52 18.62 -27.85
CA LYS A 239 -7.15 19.06 -26.51
C LYS A 239 -7.93 18.29 -25.46
N GLY A 240 -7.36 18.18 -24.28
CA GLY A 240 -8.06 17.64 -23.14
C GLY A 240 -8.08 16.13 -23.14
N PRO A 241 -8.82 15.55 -22.19
CA PRO A 241 -8.72 14.09 -22.01
C PRO A 241 -9.56 13.38 -23.07
N GLN A 242 -8.90 12.46 -23.78
CA GLN A 242 -9.42 11.74 -24.94
C GLN A 242 -9.38 10.25 -24.60
N PHE A 243 -10.41 9.53 -25.02
CA PHE A 243 -10.54 8.12 -24.67
C PHE A 243 -10.95 7.36 -25.92
N LEU A 244 -10.08 6.46 -26.40
CA LEU A 244 -10.35 5.65 -27.59
C LEU A 244 -10.49 4.20 -27.15
N HIS A 245 -11.65 3.62 -27.44
CA HIS A 245 -11.97 2.25 -27.08
C HIS A 245 -11.83 1.37 -28.33
N ILE A 246 -10.88 0.42 -28.30
CA ILE A 246 -10.72 -0.46 -29.45
C ILE A 246 -11.17 -1.87 -29.05
N MET A 247 -11.81 -2.55 -30.00
CA MET A 247 -12.26 -3.92 -29.72
C MET A 247 -11.25 -4.86 -30.35
N LEU A 284 6.20 -32.34 -6.19
CA LEU A 284 5.48 -32.29 -7.43
C LEU A 284 4.32 -31.26 -7.39
N PRO A 285 3.48 -31.29 -6.35
CA PRO A 285 2.43 -30.25 -6.25
C PRO A 285 3.06 -28.88 -6.03
N SER A 286 2.51 -27.89 -6.69
CA SER A 286 2.89 -26.50 -6.40
C SER A 286 2.29 -26.09 -5.06
N TYR A 287 2.89 -25.05 -4.41
CA TYR A 287 2.24 -24.55 -3.21
C TYR A 287 0.85 -24.02 -3.54
N SER A 288 0.67 -23.45 -4.75
CA SER A 288 -0.66 -22.96 -5.10
C SER A 288 -1.69 -24.09 -5.12
N LYS A 289 -1.34 -25.24 -5.70
CA LYS A 289 -2.22 -26.40 -5.67
C LYS A 289 -2.47 -26.89 -4.23
N ILE A 290 -1.42 -26.92 -3.42
CA ILE A 290 -1.58 -27.27 -2.01
C ILE A 290 -2.62 -26.36 -1.33
N PHE A 291 -2.51 -25.04 -1.59
CA PHE A 291 -3.46 -24.09 -1.04
C PHE A 291 -4.88 -24.35 -1.55
N GLY A 292 -5.04 -24.47 -2.87
CA GLY A 292 -6.38 -24.71 -3.41
C GLY A 292 -6.98 -26.01 -2.88
N ASP A 293 -6.18 -27.06 -2.81
CA ASP A 293 -6.69 -28.32 -2.24
C ASP A 293 -7.14 -28.11 -0.79
N TRP A 294 -6.37 -27.33 -0.02
CA TRP A 294 -6.75 -27.11 1.37
C TRP A 294 -8.03 -26.29 1.45
N LEU A 295 -8.19 -25.28 0.57
CA LEU A 295 -9.47 -24.57 0.53
C LEU A 295 -10.64 -25.52 0.35
N CYS A 296 -10.52 -26.42 -0.62
CA CYS A 296 -11.63 -27.34 -0.90
C CYS A 296 -11.89 -28.25 0.29
N GLU A 297 -10.83 -28.78 0.91
CA GLU A 297 -11.06 -29.68 2.04
C GLU A 297 -11.76 -28.96 3.17
N THR A 298 -11.40 -27.70 3.40
CA THR A 298 -11.93 -26.91 4.49
C THR A 298 -13.38 -26.52 4.23
N ALA A 299 -13.68 -26.05 3.00
CA ALA A 299 -15.05 -25.65 2.68
C ALA A 299 -16.00 -26.82 2.76
N ALA A 300 -15.53 -28.03 2.39
CA ALA A 300 -16.39 -29.20 2.45
C ALA A 300 -16.96 -29.44 3.85
N LYS A 301 -16.24 -29.03 4.88
CA LYS A 301 -16.66 -29.32 6.24
C LYS A 301 -17.07 -28.09 7.04
N ASP A 302 -16.93 -26.88 6.49
CA ASP A 302 -17.12 -25.69 7.29
C ASP A 302 -17.79 -24.65 6.40
N ASN A 303 -19.05 -24.29 6.72
CA ASN A 303 -19.78 -23.24 6.00
C ASN A 303 -19.17 -21.85 6.12
N LYS A 304 -18.26 -21.64 7.07
CA LYS A 304 -17.74 -20.28 7.25
C LYS A 304 -16.65 -19.91 6.25
N LEU A 305 -15.96 -20.87 5.61
CA LEU A 305 -14.82 -20.46 4.80
C LEU A 305 -15.27 -19.67 3.57
N MET A 306 -14.62 -18.53 3.32
CA MET A 306 -14.81 -17.75 2.09
C MET A 306 -13.44 -17.43 1.53
N ALA A 307 -13.28 -17.40 0.21
CA ALA A 307 -11.94 -17.14 -0.30
C ALA A 307 -12.04 -16.09 -1.39
N ILE A 308 -11.04 -15.20 -1.41
CA ILE A 308 -11.07 -14.01 -2.26
C ILE A 308 -9.78 -13.97 -3.04
N THR A 309 -9.87 -13.65 -4.35
CA THR A 309 -8.69 -13.32 -5.15
C THR A 309 -8.91 -12.01 -5.91
N PRO A 310 -7.88 -11.16 -6.02
CA PRO A 310 -8.01 -9.99 -6.91
C PRO A 310 -7.50 -10.42 -8.28
N ALA A 311 -8.37 -11.14 -9.00
CA ALA A 311 -8.19 -11.47 -10.43
C ALA A 311 -7.02 -12.41 -10.70
N MET A 312 -6.66 -13.27 -9.74
CA MET A 312 -5.54 -14.22 -9.96
C MET A 312 -5.98 -15.63 -9.62
N ARG A 313 -7.15 -16.00 -10.12
CA ARG A 313 -7.68 -17.35 -9.79
C ARG A 313 -6.71 -18.47 -10.18
N GLU A 314 -6.24 -18.48 -11.43
CA GLU A 314 -5.36 -19.56 -11.88
C GLU A 314 -4.02 -19.56 -11.12
N GLY A 315 -3.39 -18.39 -11.02
CA GLY A 315 -2.11 -18.27 -10.35
C GLY A 315 -2.14 -18.72 -8.90
N SER A 316 -3.20 -18.38 -8.18
CA SER A 316 -3.28 -18.72 -6.78
C SER A 316 -3.82 -20.14 -6.57
N GLY A 317 -4.08 -20.89 -7.64
CA GLY A 317 -4.49 -22.29 -7.54
C GLY A 317 -5.95 -22.53 -7.16
N MET A 318 -6.85 -21.62 -7.52
CA MET A 318 -8.23 -21.66 -7.06
C MET A 318 -9.23 -22.10 -8.15
N VAL A 319 -8.78 -22.63 -9.29
CA VAL A 319 -9.75 -22.97 -10.35
C VAL A 319 -10.69 -24.06 -9.85
N GLU A 320 -10.15 -25.17 -9.35
CA GLU A 320 -11.05 -26.23 -8.91
C GLU A 320 -11.96 -25.74 -7.77
N PHE A 321 -11.39 -24.98 -6.83
CA PHE A 321 -12.21 -24.45 -5.73
C PHE A 321 -13.35 -23.59 -6.27
N SER A 322 -13.08 -22.76 -7.28
CA SER A 322 -14.11 -21.85 -7.81
C SER A 322 -15.28 -22.63 -8.40
N LYS A 323 -15.01 -23.84 -8.92
CA LYS A 323 -16.08 -24.63 -9.50
C LYS A 323 -16.80 -25.53 -8.50
N LYS A 324 -16.06 -26.05 -7.50
CA LYS A 324 -16.66 -26.90 -6.46
C LYS A 324 -17.45 -26.08 -5.43
N PHE A 325 -17.00 -24.85 -5.15
CA PHE A 325 -17.57 -24.00 -4.11
C PHE A 325 -17.80 -22.59 -4.64
N PRO A 326 -18.64 -22.46 -5.66
CA PRO A 326 -18.80 -21.14 -6.29
C PRO A 326 -19.36 -20.09 -5.33
N ASP A 327 -20.15 -20.51 -4.34
CA ASP A 327 -20.75 -19.64 -3.32
C ASP A 327 -19.75 -19.19 -2.25
N ARG A 328 -18.53 -19.75 -2.25
CA ARG A 328 -17.48 -19.44 -1.28
C ARG A 328 -16.36 -18.64 -1.94
N TYR A 329 -16.49 -18.32 -3.22
CA TYR A 329 -15.39 -17.84 -4.03
C TYR A 329 -15.71 -16.44 -4.54
N PHE A 330 -14.80 -15.49 -4.35
CA PHE A 330 -15.02 -14.12 -4.84
C PHE A 330 -13.80 -13.63 -5.58
N ASP A 331 -13.96 -13.32 -6.85
CA ASP A 331 -12.94 -12.62 -7.63
C ASP A 331 -13.39 -11.16 -7.69
N VAL A 332 -12.59 -10.26 -7.13
CA VAL A 332 -13.00 -8.85 -7.05
C VAL A 332 -12.37 -7.99 -8.13
N ALA A 333 -11.79 -8.61 -9.16
CA ALA A 333 -11.11 -7.95 -10.29
C ALA A 333 -9.74 -7.48 -9.77
N ILE A 334 -9.06 -6.58 -10.47
CA ILE A 334 -7.69 -6.22 -10.08
C ILE A 334 -7.77 -5.15 -8.99
N ALA A 335 -8.20 -5.55 -7.82
CA ALA A 335 -8.63 -4.62 -6.80
C ALA A 335 -8.17 -5.15 -5.43
N GLU A 336 -6.85 -5.11 -5.19
CA GLU A 336 -6.31 -5.67 -3.94
C GLU A 336 -6.84 -4.92 -2.73
N GLN A 337 -7.02 -3.59 -2.84
CA GLN A 337 -7.47 -2.85 -1.66
C GLN A 337 -8.87 -3.29 -1.28
N HIS A 338 -9.77 -3.33 -2.28
CA HIS A 338 -11.12 -3.82 -1.95
C HIS A 338 -11.10 -5.29 -1.50
N ALA A 339 -10.22 -6.10 -2.08
CA ALA A 339 -10.19 -7.52 -1.66
C ALA A 339 -10.07 -7.64 -0.14
N VAL A 340 -9.13 -6.90 0.41
CA VAL A 340 -8.84 -7.01 1.86
C VAL A 340 -9.99 -6.45 2.70
N THR A 341 -10.51 -5.25 2.36
CA THR A 341 -11.56 -4.67 3.20
C THR A 341 -12.89 -5.42 3.02
N PHE A 342 -13.13 -5.98 1.84
CA PHE A 342 -14.27 -6.89 1.70
C PHE A 342 -14.13 -8.07 2.68
N ALA A 343 -12.92 -8.65 2.77
CA ALA A 343 -12.70 -9.73 3.73
C ALA A 343 -12.96 -9.25 5.14
N ALA A 344 -12.55 -8.00 5.47
CA ALA A 344 -12.81 -7.52 6.82
C ALA A 344 -14.32 -7.50 7.09
N GLY A 345 -15.11 -7.10 6.07
CA GLY A 345 -16.56 -7.08 6.23
C GLY A 345 -17.14 -8.50 6.42
N LEU A 346 -16.62 -9.46 5.66
CA LEU A 346 -17.07 -10.85 5.86
C LEU A 346 -16.77 -11.33 7.29
N ALA A 347 -15.61 -10.95 7.82
CA ALA A 347 -15.25 -11.37 9.17
C ALA A 347 -16.14 -10.68 10.21
N ILE A 348 -16.45 -9.39 9.99
CA ILE A 348 -17.40 -8.74 10.89
C ILE A 348 -18.71 -9.49 10.87
N GLY A 349 -19.08 -10.04 9.69
CA GLY A 349 -20.27 -10.88 9.52
C GLY A 349 -20.15 -12.30 10.01
N ASP A 350 -19.06 -12.64 10.72
CA ASP A 350 -18.84 -13.95 11.35
C ASP A 350 -18.60 -15.06 10.32
N TYR A 351 -18.09 -14.73 9.14
CA TYR A 351 -17.52 -15.68 8.20
C TYR A 351 -16.02 -15.65 8.38
N LYS A 352 -15.33 -16.60 7.73
CA LYS A 352 -13.88 -16.80 7.91
C LYS A 352 -13.20 -16.60 6.57
N PRO A 353 -12.84 -15.37 6.22
CA PRO A 353 -12.32 -15.13 4.88
C PRO A 353 -10.83 -15.40 4.80
N VAL A 354 -10.45 -15.90 3.62
CA VAL A 354 -9.07 -16.11 3.21
C VAL A 354 -8.79 -15.26 2.01
N VAL A 355 -7.77 -14.38 2.13
CA VAL A 355 -7.42 -13.50 1.02
C VAL A 355 -6.22 -14.14 0.36
N ALA A 356 -6.40 -14.59 -0.89
CA ALA A 356 -5.28 -15.14 -1.65
C ALA A 356 -4.67 -14.01 -2.45
N ILE A 357 -3.38 -13.73 -2.24
CA ILE A 357 -2.79 -12.56 -2.90
C ILE A 357 -1.29 -12.77 -3.01
N TYR A 358 -0.69 -12.36 -4.14
CA TYR A 358 0.76 -12.49 -4.26
C TYR A 358 1.47 -11.47 -3.35
N SER A 359 2.67 -11.85 -2.90
CA SER A 359 3.44 -10.92 -2.07
C SER A 359 3.56 -9.55 -2.75
N THR A 360 3.90 -9.56 -4.02
CA THR A 360 4.17 -8.26 -4.67
C THR A 360 2.90 -7.39 -4.73
N PHE A 361 1.75 -8.04 -4.97
CA PHE A 361 0.48 -7.30 -5.09
C PHE A 361 -0.08 -6.89 -3.75
N LEU A 362 0.25 -7.62 -2.69
CA LEU A 362 -0.11 -7.21 -1.33
C LEU A 362 0.43 -5.83 -0.98
N GLN A 363 1.55 -5.45 -1.59
CA GLN A 363 2.06 -4.10 -1.42
C GLN A 363 0.98 -3.06 -1.61
N ARG A 364 0.08 -3.30 -2.56
CA ARG A 364 -0.91 -2.29 -2.94
C ARG A 364 -2.08 -2.26 -1.95
N ALA A 365 -2.19 -3.25 -1.06
CA ALA A 365 -3.29 -3.37 -0.09
C ALA A 365 -2.79 -3.19 1.36
N TYR A 366 -1.60 -2.64 1.50
CA TYR A 366 -0.96 -2.51 2.83
C TYR A 366 -1.83 -1.71 3.83
N ASP A 367 -2.40 -0.58 3.40
CA ASP A 367 -3.22 0.24 4.30
C ASP A 367 -4.49 -0.49 4.72
N GLN A 368 -5.05 -1.31 3.84
CA GLN A 368 -6.21 -2.10 4.27
C GLN A 368 -5.80 -3.21 5.24
N VAL A 369 -4.62 -3.79 5.06
CA VAL A 369 -4.13 -4.77 6.05
C VAL A 369 -3.96 -4.09 7.41
N ILE A 370 -3.34 -2.92 7.45
CA ILE A 370 -3.08 -2.28 8.73
C ILE A 370 -4.40 -1.82 9.36
N HIS A 371 -5.13 -0.97 8.63
CA HIS A 371 -6.22 -0.19 9.19
C HIS A 371 -7.51 -1.00 9.29
N ASP A 372 -7.84 -1.78 8.27
CA ASP A 372 -9.13 -2.47 8.22
C ASP A 372 -9.05 -3.90 8.72
N VAL A 373 -7.86 -4.36 9.05
CA VAL A 373 -7.76 -5.72 9.59
C VAL A 373 -7.02 -5.69 10.93
N ALA A 374 -5.74 -5.31 10.93
CA ALA A 374 -4.98 -5.39 12.19
C ALA A 374 -5.54 -4.47 13.28
N ILE A 375 -5.86 -3.21 12.94
CA ILE A 375 -6.41 -2.29 13.95
C ILE A 375 -7.75 -2.82 14.50
N GLN A 376 -8.55 -3.52 13.67
CA GLN A 376 -9.82 -4.09 14.11
C GLN A 376 -9.66 -5.45 14.78
N LYS A 377 -8.47 -6.01 14.76
CA LYS A 377 -8.18 -7.38 15.23
C LYS A 377 -9.10 -8.40 14.57
N LEU A 378 -9.38 -8.20 13.29
CA LEU A 378 -10.27 -9.16 12.65
C LEU A 378 -9.49 -10.38 12.15
N PRO A 379 -10.07 -11.55 12.31
CA PRO A 379 -9.30 -12.76 11.97
C PRO A 379 -9.39 -13.13 10.49
N VAL A 380 -8.76 -12.34 9.66
CA VAL A 380 -8.59 -12.62 8.23
C VAL A 380 -7.32 -13.45 8.04
N LEU A 381 -7.38 -14.45 7.18
CA LEU A 381 -6.22 -15.25 6.82
C LEU A 381 -5.68 -14.77 5.49
N PHE A 382 -4.38 -14.48 5.42
CA PHE A 382 -3.76 -14.09 4.15
C PHE A 382 -2.90 -15.23 3.62
N ALA A 383 -3.24 -15.73 2.43
CA ALA A 383 -2.45 -16.81 1.80
C ALA A 383 -1.61 -16.12 0.73
N ILE A 384 -0.33 -15.94 1.02
CA ILE A 384 0.53 -15.06 0.22
C ILE A 384 1.38 -15.93 -0.69
N ASP A 385 1.05 -15.96 -1.99
CA ASP A 385 1.74 -16.73 -2.99
C ASP A 385 2.88 -15.89 -3.58
N ARG A 386 3.70 -16.53 -4.43
CA ARG A 386 4.87 -15.86 -5.08
C ARG A 386 5.73 -15.10 -4.07
N ALA A 387 5.94 -15.69 -2.89
CA ALA A 387 6.78 -15.08 -1.88
C ALA A 387 8.23 -15.40 -2.25
N GLY A 388 9.13 -14.44 -2.00
CA GLY A 388 10.52 -14.66 -2.35
C GLY A 388 10.78 -14.47 -3.83
N ILE A 389 11.72 -15.25 -4.38
CA ILE A 389 12.14 -15.08 -5.77
C ILE A 389 11.12 -15.73 -6.69
N VAL A 390 10.63 -14.96 -7.68
CA VAL A 390 9.59 -15.46 -8.58
C VAL A 390 10.10 -15.89 -9.94
N GLY A 391 11.33 -15.60 -10.26
CA GLY A 391 11.88 -16.08 -11.53
C GLY A 391 11.65 -15.11 -12.68
N ALA A 392 10.94 -15.59 -13.72
CA ALA A 392 10.96 -14.95 -15.03
C ALA A 392 10.40 -13.52 -15.02
N ASP A 393 9.41 -13.22 -14.18
CA ASP A 393 8.84 -11.86 -14.24
C ASP A 393 9.74 -10.77 -13.62
N GLY A 394 10.78 -11.13 -12.87
CA GLY A 394 11.82 -10.16 -12.54
C GLY A 394 11.37 -9.12 -11.50
N GLN A 395 12.02 -7.95 -11.55
CA GLN A 395 11.99 -6.96 -10.47
C GLN A 395 10.57 -6.56 -10.08
N THR A 396 9.70 -6.32 -11.06
CA THR A 396 8.39 -5.74 -10.74
C THR A 396 7.51 -6.69 -9.98
N HIS A 397 7.88 -7.97 -9.92
CA HIS A 397 7.00 -8.97 -9.36
C HIS A 397 7.54 -9.72 -8.15
N GLN A 398 8.76 -9.42 -7.68
CA GLN A 398 9.37 -10.24 -6.63
C GLN A 398 8.55 -10.17 -5.35
N GLY A 399 8.49 -11.31 -4.66
CA GLY A 399 7.88 -11.31 -3.33
C GLY A 399 8.89 -10.98 -2.25
N ALA A 400 9.48 -9.80 -2.36
CA ALA A 400 10.74 -9.56 -1.66
C ALA A 400 10.59 -8.91 -0.31
N PHE A 401 9.40 -8.35 0.04
CA PHE A 401 9.33 -7.44 1.18
C PHE A 401 8.27 -7.80 2.23
N ASP A 402 7.45 -8.83 2.02
CA ASP A 402 6.31 -8.99 2.90
C ASP A 402 6.74 -9.33 4.33
N LEU A 403 7.87 -10.01 4.52
CA LEU A 403 8.24 -10.28 5.94
C LEU A 403 8.61 -8.98 6.62
N SER A 404 9.13 -8.01 5.86
CA SER A 404 9.53 -6.77 6.49
C SER A 404 8.30 -5.91 6.74
N PHE A 405 7.51 -5.70 5.66
CA PHE A 405 6.42 -4.75 5.83
C PHE A 405 5.28 -5.33 6.66
N LEU A 406 5.16 -6.68 6.81
CA LEU A 406 4.09 -7.15 7.70
C LEU A 406 4.54 -7.19 9.16
N ARG A 407 5.82 -7.43 9.42
CA ARG A 407 6.12 -7.72 10.84
C ARG A 407 6.21 -6.47 11.69
N CYS A 408 6.32 -5.27 11.06
CA CYS A 408 6.31 -4.07 11.90
C CYS A 408 4.90 -3.68 12.35
N ILE A 409 3.87 -4.37 11.88
CA ILE A 409 2.48 -4.05 12.19
C ILE A 409 2.04 -4.82 13.44
N PRO A 410 1.53 -4.12 14.45
CA PRO A 410 1.09 -4.82 15.66
C PRO A 410 -0.05 -5.78 15.37
N ASP A 411 -0.06 -6.88 16.13
CA ASP A 411 -1.18 -7.79 16.13
C ASP A 411 -1.31 -8.54 14.82
N MET A 412 -0.19 -8.71 14.09
CA MET A 412 -0.16 -9.53 12.89
C MET A 412 0.61 -10.81 13.26
N VAL A 413 0.13 -11.97 12.85
CA VAL A 413 0.88 -13.21 12.99
C VAL A 413 1.43 -13.59 11.64
N VAL A 414 2.73 -13.86 11.54
CA VAL A 414 3.36 -14.05 10.23
C VAL A 414 4.11 -15.39 10.20
N MET A 415 3.77 -16.24 9.23
CA MET A 415 4.21 -17.63 9.27
C MET A 415 4.89 -17.94 7.95
N THR A 416 5.98 -18.72 8.01
CA THR A 416 6.78 -19.03 6.83
C THR A 416 7.00 -20.53 6.74
N PRO A 417 6.13 -21.26 6.05
CA PRO A 417 6.30 -22.73 5.97
C PRO A 417 7.56 -23.11 5.21
N SER A 418 8.16 -24.23 5.64
CA SER A 418 9.36 -24.72 4.97
C SER A 418 9.05 -25.83 3.99
N ASP A 419 7.82 -26.31 3.94
CA ASP A 419 7.46 -27.30 2.96
C ASP A 419 5.93 -27.33 2.91
N GLU A 420 5.40 -28.20 2.04
CA GLU A 420 3.98 -28.10 1.77
C GLU A 420 3.16 -28.68 2.91
N ASN A 421 3.72 -29.61 3.71
CA ASN A 421 3.02 -30.01 4.93
C ASN A 421 2.93 -28.83 5.89
N GLU A 422 4.06 -28.18 6.15
CA GLU A 422 4.05 -27.01 7.03
C GLU A 422 3.09 -25.95 6.50
N CYS A 423 2.97 -25.87 5.19
CA CYS A 423 2.08 -24.87 4.59
C CYS A 423 0.65 -25.16 5.01
N ARG A 424 0.24 -26.44 4.88
CA ARG A 424 -1.11 -26.80 5.27
C ARG A 424 -1.33 -26.58 6.76
N GLN A 425 -0.37 -27.03 7.59
CA GLN A 425 -0.51 -26.87 9.05
C GLN A 425 -0.67 -25.40 9.42
N MET A 426 0.05 -24.52 8.72
CA MET A 426 -0.02 -23.07 9.00
C MET A 426 -1.29 -22.44 8.49
N LEU A 427 -1.76 -22.84 7.30
CA LEU A 427 -3.10 -22.41 6.89
C LEU A 427 -4.15 -22.82 7.92
N TYR A 428 -4.13 -24.08 8.34
CA TYR A 428 -5.09 -24.54 9.34
C TYR A 428 -4.98 -23.72 10.61
N THR A 429 -3.73 -23.53 11.08
CA THR A 429 -3.51 -22.79 12.30
C THR A 429 -4.09 -21.38 12.20
N GLY A 430 -3.77 -20.70 11.13
CA GLY A 430 -4.23 -19.31 10.93
C GLY A 430 -5.73 -19.26 10.75
N TYR A 431 -6.29 -20.28 10.08
CA TYR A 431 -7.74 -20.35 9.87
C TYR A 431 -8.50 -20.48 11.19
N HIS A 432 -7.97 -21.23 12.13
CA HIS A 432 -8.64 -21.36 13.42
C HIS A 432 -8.18 -20.39 14.48
N TYR A 433 -7.22 -19.51 14.16
CA TYR A 433 -6.75 -18.52 15.11
C TYR A 433 -7.71 -17.34 15.08
N SER A 434 -8.32 -17.01 16.20
CA SER A 434 -9.42 -16.05 16.14
C SER A 434 -9.10 -14.67 16.71
N ASP A 435 -7.92 -14.47 17.33
CA ASP A 435 -7.65 -13.21 18.00
C ASP A 435 -7.23 -12.09 17.06
N GLY A 436 -6.97 -12.38 15.79
CA GLY A 436 -6.48 -11.39 14.88
C GLY A 436 -5.99 -12.01 13.59
N PRO A 437 -5.45 -11.18 12.67
CA PRO A 437 -5.05 -11.69 11.34
C PRO A 437 -3.78 -12.52 11.38
N CYS A 438 -3.70 -13.46 10.43
CA CYS A 438 -2.56 -14.33 10.23
C CYS A 438 -2.20 -14.30 8.78
N ALA A 439 -0.89 -14.41 8.49
CA ALA A 439 -0.38 -14.47 7.11
C ALA A 439 0.50 -15.71 6.97
N VAL A 440 0.35 -16.43 5.86
CA VAL A 440 1.19 -17.57 5.53
C VAL A 440 1.74 -17.29 4.13
N ARG A 441 3.06 -17.24 3.99
CA ARG A 441 3.67 -16.89 2.70
C ARG A 441 4.49 -18.06 2.16
N TYR A 442 4.38 -18.27 0.85
CA TYR A 442 5.05 -19.41 0.22
C TYR A 442 5.42 -19.04 -1.21
N PRO A 443 6.39 -19.73 -1.79
CA PRO A 443 6.90 -19.36 -3.12
C PRO A 443 6.07 -19.94 -4.25
N ARG A 444 6.24 -19.33 -5.41
CA ARG A 444 5.85 -19.97 -6.67
C ARG A 444 6.62 -21.28 -6.86
N GLY A 445 5.96 -22.30 -7.39
CA GLY A 445 6.68 -23.55 -7.70
C GLY A 445 6.35 -24.67 -6.71
N SER A 446 7.13 -25.77 -6.82
CA SER A 446 6.86 -27.03 -6.12
C SER A 446 7.56 -27.04 -4.77
N GLY A 447 7.10 -27.95 -3.94
CA GLY A 447 7.72 -28.16 -2.66
C GLY A 447 8.65 -29.33 -2.69
N THR A 448 8.78 -29.99 -1.54
CA THR A 448 9.78 -31.00 -1.34
C THR A 448 9.23 -32.41 -1.49
N GLY A 449 7.91 -32.59 -1.62
CA GLY A 449 7.37 -33.94 -1.58
C GLY A 449 7.02 -34.40 -0.17
N ALA A 450 7.04 -33.48 0.79
CA ALA A 450 6.75 -33.80 2.19
C ALA A 450 5.43 -34.52 2.35
N THR A 451 5.39 -35.50 3.28
CA THR A 451 4.10 -36.12 3.62
C THR A 451 3.15 -35.06 4.12
N LEU A 452 1.90 -35.12 3.65
CA LEU A 452 0.87 -34.23 4.19
C LEU A 452 0.28 -34.90 5.44
N GLU A 453 0.69 -34.44 6.62
CA GLU A 453 0.34 -35.11 7.86
C GLU A 453 -1.01 -34.61 8.33
N PRO A 454 -1.67 -35.33 9.24
CA PRO A 454 -2.96 -34.86 9.77
C PRO A 454 -2.82 -33.44 10.30
N LEU A 455 -3.89 -32.65 10.15
CA LEU A 455 -3.83 -31.22 10.51
C LEU A 455 -4.01 -31.05 12.00
N ALA A 456 -3.22 -30.15 12.57
CA ALA A 456 -3.34 -29.76 13.97
C ALA A 456 -2.80 -28.34 14.10
N SER A 457 -3.40 -27.53 14.98
CA SER A 457 -2.87 -26.18 15.16
C SER A 457 -1.44 -26.22 15.69
N LEU A 458 -0.56 -25.40 15.07
CA LEU A 458 0.81 -25.29 15.59
C LEU A 458 0.85 -24.37 16.78
N PRO A 459 1.62 -24.71 17.81
CA PRO A 459 1.86 -23.77 18.92
C PRO A 459 2.35 -22.45 18.37
N ILE A 460 1.64 -21.40 18.72
CA ILE A 460 1.95 -20.06 18.19
C ILE A 460 3.33 -19.60 18.66
N GLY A 461 4.13 -19.11 17.71
CA GLY A 461 5.43 -18.54 18.04
C GLY A 461 6.46 -19.52 18.53
N LYS A 462 6.41 -20.79 18.07
CA LYS A 462 7.39 -21.78 18.49
C LYS A 462 8.07 -22.36 17.26
N GLY A 463 9.41 -22.41 17.30
CA GLY A 463 10.18 -23.08 16.26
C GLY A 463 10.41 -24.56 16.58
N VAL A 464 11.10 -25.24 15.66
CA VAL A 464 11.33 -26.70 15.72
C VAL A 464 12.80 -26.97 15.49
N VAL A 465 13.42 -27.68 16.43
CA VAL A 465 14.84 -28.02 16.28
C VAL A 465 14.97 -29.18 15.31
N LYS A 466 15.74 -28.98 14.24
CA LYS A 466 15.91 -30.04 13.25
C LYS A 466 17.22 -30.78 13.40
N ARG A 467 18.27 -30.11 13.87
CA ARG A 467 19.57 -30.75 14.06
C ARG A 467 20.27 -30.10 15.23
N GLN A 468 20.91 -30.89 16.08
CA GLN A 468 21.74 -30.37 17.15
C GLN A 468 23.19 -30.44 16.72
N GLY A 469 23.88 -29.29 16.69
CA GLY A 469 25.28 -29.27 16.35
C GLY A 469 26.05 -28.52 17.42
N GLU A 470 27.07 -27.78 16.98
CA GLU A 470 27.89 -26.99 17.89
C GLU A 470 28.35 -25.72 17.17
N LYS A 471 28.73 -24.71 17.97
CA LYS A 471 29.45 -23.51 17.55
C LYS A 471 28.58 -22.53 16.78
N ILE A 472 27.79 -23.02 15.81
CA ILE A 472 26.93 -22.16 14.99
C ILE A 472 25.53 -22.76 15.01
N ALA A 473 24.52 -21.89 15.12
CA ALA A 473 23.13 -22.31 14.94
C ALA A 473 22.56 -21.57 13.74
N ILE A 474 21.84 -22.28 12.88
CA ILE A 474 21.17 -21.69 11.71
C ILE A 474 19.67 -21.62 12.02
N LEU A 475 19.10 -20.41 12.00
CA LEU A 475 17.67 -20.18 12.22
C LEU A 475 17.00 -19.91 10.86
N ASN A 476 16.25 -20.88 10.37
CA ASN A 476 15.63 -20.81 9.04
C ASN A 476 14.18 -20.31 9.13
N PHE A 477 13.83 -19.39 8.23
CA PHE A 477 12.43 -18.97 8.04
C PHE A 477 12.01 -19.29 6.62
N GLY A 478 11.20 -20.35 6.45
CA GLY A 478 10.67 -20.65 5.12
C GLY A 478 11.34 -21.74 4.29
N THR A 479 11.22 -21.64 2.96
CA THR A 479 11.48 -22.78 2.08
C THR A 479 12.94 -22.99 1.73
N LEU A 480 13.89 -22.19 2.27
CA LEU A 480 15.28 -22.53 2.03
C LEU A 480 15.78 -23.62 3.01
N LEU A 481 14.90 -24.22 3.81
CA LEU A 481 15.36 -25.19 4.79
C LEU A 481 16.19 -26.34 4.21
N PRO A 482 15.83 -26.96 3.07
CA PRO A 482 16.65 -28.06 2.57
C PRO A 482 18.06 -27.61 2.27
N GLU A 483 18.26 -26.37 1.79
CA GLU A 483 19.62 -25.88 1.58
C GLU A 483 20.33 -25.69 2.92
N ALA A 484 19.64 -25.13 3.91
CA ALA A 484 20.25 -24.99 5.23
C ALA A 484 20.55 -26.34 5.86
N ALA A 485 19.76 -27.36 5.56
CA ALA A 485 20.04 -28.68 6.13
C ALA A 485 21.34 -29.26 5.59
N ALA A 486 21.56 -29.11 4.28
CA ALA A 486 22.84 -29.53 3.69
C ALA A 486 24.00 -28.80 4.34
N VAL A 487 23.87 -27.46 4.54
CA VAL A 487 24.95 -26.71 5.18
C VAL A 487 25.16 -27.19 6.61
N ALA A 488 24.08 -27.38 7.38
CA ALA A 488 24.26 -27.71 8.80
C ALA A 488 24.91 -29.08 8.96
N ASP A 489 24.60 -30.02 8.07
CA ASP A 489 25.34 -31.30 8.13
C ASP A 489 26.81 -31.06 7.84
N LYS A 490 27.10 -30.28 6.79
CA LYS A 490 28.49 -30.08 6.41
C LYS A 490 29.30 -29.40 7.52
N LEU A 491 28.72 -28.39 8.17
CA LEU A 491 29.40 -27.62 9.21
C LEU A 491 29.18 -28.14 10.62
N ASN A 492 28.42 -29.22 10.76
CA ASN A 492 28.00 -29.73 12.07
C ASN A 492 27.39 -28.59 12.90
N ALA A 493 26.46 -27.85 12.29
CA ALA A 493 25.77 -26.77 12.96
C ALA A 493 24.43 -27.23 13.56
N THR A 494 23.93 -26.45 14.51
CA THR A 494 22.54 -26.59 14.93
C THR A 494 21.64 -25.96 13.89
N LEU A 495 20.48 -26.57 13.65
CA LEU A 495 19.51 -26.09 12.68
C LEU A 495 18.14 -26.03 13.31
N VAL A 496 17.43 -24.94 13.09
CA VAL A 496 16.12 -24.73 13.66
C VAL A 496 15.22 -24.21 12.53
N ASP A 497 14.01 -24.77 12.42
CA ASP A 497 12.96 -24.23 11.53
C ASP A 497 12.06 -23.31 12.36
N MET A 498 12.14 -21.99 12.13
CA MET A 498 11.55 -21.04 13.10
C MET A 498 10.06 -20.98 13.04
N ARG A 499 9.48 -21.26 11.86
CA ARG A 499 8.03 -21.29 11.57
C ARG A 499 7.40 -19.91 11.59
N PHE A 500 7.63 -19.17 12.67
CA PHE A 500 6.96 -17.88 12.91
C PHE A 500 7.96 -16.74 12.78
N VAL A 501 7.66 -15.79 11.87
CA VAL A 501 8.37 -14.51 11.85
C VAL A 501 7.81 -13.61 12.94
N LYS A 502 6.56 -13.76 13.25
CA LYS A 502 5.97 -12.97 14.32
C LYS A 502 4.76 -13.74 14.86
N PRO A 503 4.66 -13.99 16.16
CA PRO A 503 5.68 -13.67 17.17
C PRO A 503 6.85 -14.61 17.07
N LEU A 504 8.06 -14.13 17.30
CA LEU A 504 9.24 -14.99 17.30
C LEU A 504 9.27 -15.90 18.55
N ASP A 505 9.88 -17.06 18.38
CA ASP A 505 10.20 -17.93 19.52
C ASP A 505 11.40 -17.36 20.29
N THR A 506 11.14 -16.36 21.14
CA THR A 506 12.23 -15.71 21.89
C THR A 506 12.98 -16.69 22.80
N ALA A 507 12.28 -17.60 23.45
CA ALA A 507 13.01 -18.49 24.36
C ALA A 507 14.02 -19.34 23.60
N LEU A 508 13.63 -19.80 22.40
CA LEU A 508 14.53 -20.61 21.62
C LEU A 508 15.71 -19.78 21.12
N ILE A 509 15.43 -18.54 20.65
CA ILE A 509 16.53 -17.65 20.30
C ILE A 509 17.50 -17.49 21.46
N LEU A 510 16.99 -17.28 22.67
CA LEU A 510 17.92 -17.06 23.80
C LEU A 510 18.69 -18.31 24.15
N GLN A 511 18.05 -19.47 24.04
CA GLN A 511 18.75 -20.72 24.30
C GLN A 511 19.84 -20.94 23.26
N LEU A 512 19.50 -20.75 21.97
CA LEU A 512 20.49 -20.90 20.91
C LEU A 512 21.68 -19.98 21.17
N ALA A 513 21.40 -18.71 21.50
CA ALA A 513 22.46 -17.74 21.71
C ALA A 513 23.27 -18.07 22.95
N GLY A 514 22.71 -18.85 23.86
CA GLY A 514 23.47 -19.19 25.04
C GLY A 514 24.34 -20.38 24.87
N GLU A 515 24.20 -21.09 23.74
CA GLU A 515 24.89 -22.35 23.48
C GLU A 515 25.75 -22.36 22.23
N HIS A 516 25.77 -21.29 21.44
CA HIS A 516 26.58 -21.21 20.23
C HIS A 516 27.33 -19.90 20.22
N ASP A 517 28.45 -19.89 19.49
CA ASP A 517 29.24 -18.68 19.34
C ASP A 517 28.64 -17.68 18.37
N ALA A 518 27.74 -18.13 17.51
CA ALA A 518 27.19 -17.21 16.51
C ALA A 518 25.98 -17.85 15.89
N LEU A 519 25.05 -17.02 15.46
CA LEU A 519 23.82 -17.47 14.83
C LEU A 519 23.84 -17.03 13.37
N VAL A 520 23.11 -17.78 12.55
CA VAL A 520 22.87 -17.43 11.15
C VAL A 520 21.36 -17.40 10.95
N THR A 521 20.82 -16.34 10.37
CA THR A 521 19.40 -16.38 10.00
C THR A 521 19.26 -16.46 8.47
N LEU A 522 18.19 -17.12 8.05
CA LEU A 522 18.01 -17.39 6.62
C LEU A 522 16.56 -17.16 6.24
N GLU A 523 16.33 -16.39 5.17
CA GLU A 523 14.98 -16.13 4.72
C GLU A 523 15.01 -15.71 3.24
N GLU A 524 13.91 -15.90 2.55
CA GLU A 524 13.81 -15.45 1.16
C GLU A 524 12.99 -14.17 1.12
N ASN A 525 13.60 -13.14 1.71
CA ASN A 525 13.01 -11.80 1.87
C ASN A 525 14.19 -10.85 2.02
N ALA A 526 13.95 -9.59 1.76
CA ALA A 526 14.93 -8.57 2.07
C ALA A 526 15.56 -8.79 3.44
N ILE A 527 16.89 -8.73 3.50
CA ILE A 527 17.56 -8.68 4.79
C ILE A 527 17.07 -7.49 5.62
N MET A 528 16.97 -6.33 5.00
CA MET A 528 16.64 -5.10 5.71
C MET A 528 15.21 -5.20 6.25
N GLY A 529 15.07 -5.16 7.59
CA GLY A 529 13.78 -5.26 8.24
C GLY A 529 13.16 -6.65 8.24
N GLY A 530 13.86 -7.66 7.74
CA GLY A 530 13.23 -8.96 7.53
C GLY A 530 13.22 -9.80 8.82
N ALA A 531 12.95 -11.10 8.62
CA ALA A 531 12.77 -12.01 9.77
C ALA A 531 14.03 -12.08 10.62
N GLY A 532 15.19 -12.17 9.98
CA GLY A 532 16.43 -12.24 10.75
C GLY A 532 16.71 -10.97 11.52
N SER A 533 16.43 -9.84 10.90
CA SER A 533 16.47 -8.54 11.58
C SER A 533 15.64 -8.58 12.87
N GLY A 534 14.50 -9.25 12.82
CA GLY A 534 13.69 -9.45 14.01
C GLY A 534 14.42 -10.23 15.10
N VAL A 535 15.14 -11.28 14.70
CA VAL A 535 15.97 -12.02 15.66
C VAL A 535 16.98 -11.09 16.32
N ASN A 536 17.69 -10.28 15.50
CA ASN A 536 18.64 -9.32 16.03
C ASN A 536 18.00 -8.50 17.13
N GLU A 537 16.76 -8.02 16.87
CA GLU A 537 16.12 -7.12 17.83
C GLU A 537 15.90 -7.80 19.18
N VAL A 538 15.51 -9.07 19.15
CA VAL A 538 15.28 -9.84 20.39
C VAL A 538 16.58 -9.95 21.17
N LEU A 539 17.64 -10.35 20.48
CA LEU A 539 18.94 -10.45 21.14
C LEU A 539 19.35 -9.13 21.77
N MET A 540 19.23 -8.03 21.02
CA MET A 540 19.68 -6.75 21.58
C MET A 540 18.80 -6.34 22.74
N ALA A 541 17.49 -6.57 22.63
CA ALA A 541 16.60 -6.25 23.74
C ALA A 541 17.00 -6.98 25.00
N HIS A 542 17.54 -8.20 24.86
CA HIS A 542 17.99 -8.94 26.03
C HIS A 542 19.45 -8.70 26.37
N ARG A 543 20.08 -7.71 25.73
CA ARG A 543 21.49 -7.40 25.96
C ARG A 543 22.39 -8.63 25.73
N ARG A 544 22.04 -9.43 24.73
CA ARG A 544 22.82 -10.59 24.29
C ARG A 544 23.42 -10.28 22.92
N ALA A 545 24.54 -9.55 22.91
CA ALA A 545 25.18 -9.15 21.65
C ALA A 545 25.99 -10.34 21.09
N VAL A 546 25.26 -11.37 20.68
CA VAL A 546 25.84 -12.55 20.03
C VAL A 546 25.76 -12.25 18.54
N PRO A 547 26.82 -12.39 17.75
CA PRO A 547 26.74 -11.97 16.34
C PRO A 547 25.85 -12.92 15.54
N VAL A 548 25.10 -12.32 14.63
CA VAL A 548 24.15 -13.01 13.78
C VAL A 548 24.44 -12.67 12.33
N LEU A 549 24.57 -13.67 11.49
CA LEU A 549 24.71 -13.43 10.05
C LEU A 549 23.32 -13.50 9.44
N ASN A 550 22.79 -12.37 8.97
CA ASN A 550 21.43 -12.34 8.38
C ASN A 550 21.57 -12.61 6.88
N ILE A 551 21.14 -13.78 6.44
CA ILE A 551 21.17 -14.17 5.03
C ILE A 551 19.78 -13.99 4.43
N GLY A 552 19.71 -13.36 3.26
CA GLY A 552 18.43 -13.15 2.62
C GLY A 552 18.65 -12.32 1.37
N LEU A 553 17.63 -11.59 0.93
CA LEU A 553 17.75 -10.86 -0.36
C LEU A 553 18.57 -9.57 -0.18
N PRO A 554 19.46 -9.27 -1.12
CA PRO A 554 20.31 -8.08 -1.00
C PRO A 554 19.47 -6.83 -1.29
N ASP A 555 20.06 -5.65 -1.03
CA ASP A 555 19.32 -4.38 -1.14
C ASP A 555 19.31 -3.83 -2.58
N TYR A 556 18.83 -4.67 -3.49
CA TYR A 556 18.56 -4.20 -4.87
C TYR A 556 17.42 -5.04 -5.42
N PHE A 557 16.73 -4.50 -6.42
CA PHE A 557 15.60 -5.22 -6.98
C PHE A 557 16.13 -6.40 -7.80
N ILE A 558 15.50 -7.58 -7.64
CA ILE A 558 16.11 -8.83 -8.09
C ILE A 558 15.72 -9.06 -9.54
N PRO A 559 16.68 -9.33 -10.42
CA PRO A 559 16.40 -9.39 -11.86
C PRO A 559 15.87 -10.76 -12.26
N GLN A 560 15.52 -10.88 -13.54
CA GLN A 560 14.82 -12.06 -14.06
C GLN A 560 15.75 -13.23 -14.33
N GLY A 561 15.19 -14.42 -14.25
CA GLY A 561 15.87 -15.67 -14.53
C GLY A 561 15.01 -16.79 -13.99
N THR A 562 15.50 -18.02 -14.10
CA THR A 562 14.83 -19.11 -13.39
C THR A 562 15.00 -18.92 -11.90
N GLN A 563 14.00 -19.38 -11.14
CA GLN A 563 14.13 -19.30 -9.68
C GLN A 563 15.42 -19.98 -9.22
N GLU A 564 15.73 -21.11 -9.84
CA GLU A 564 16.91 -21.87 -9.43
C GLU A 564 18.18 -21.09 -9.73
N GLU A 565 18.29 -20.47 -10.90
CA GLU A 565 19.56 -19.83 -11.22
C GLU A 565 19.72 -18.48 -10.49
N ILE A 566 18.61 -17.80 -10.17
CA ILE A 566 18.69 -16.54 -9.44
C ILE A 566 18.99 -16.78 -7.97
N ARG A 567 18.42 -17.84 -7.39
CA ARG A 567 18.81 -18.22 -6.03
C ARG A 567 20.31 -18.51 -5.96
N ALA A 568 20.82 -19.23 -6.96
CA ALA A 568 22.25 -19.53 -6.96
C ALA A 568 23.07 -18.26 -7.12
N ASP A 569 22.64 -17.38 -8.02
CA ASP A 569 23.36 -16.12 -8.19
C ASP A 569 23.41 -15.30 -6.91
N LEU A 570 22.35 -15.34 -6.10
CA LEU A 570 22.29 -14.54 -4.85
C LEU A 570 22.97 -15.24 -3.70
N GLY A 571 23.47 -16.44 -3.92
CA GLY A 571 24.12 -17.17 -2.85
C GLY A 571 23.14 -17.86 -1.93
N LEU A 572 21.94 -18.20 -2.42
CA LEU A 572 20.91 -18.76 -1.55
C LEU A 572 20.73 -20.27 -1.80
N ASP A 573 21.70 -20.93 -2.41
CA ASP A 573 21.72 -22.39 -2.41
C ASP A 573 22.70 -22.85 -1.34
N ALA A 574 22.86 -24.18 -1.18
CA ALA A 574 23.70 -24.66 -0.09
C ALA A 574 25.12 -24.15 -0.23
N ALA A 575 25.64 -24.14 -1.46
CA ALA A 575 27.02 -23.71 -1.66
C ALA A 575 27.17 -22.23 -1.33
N GLY A 576 26.22 -21.41 -1.78
CA GLY A 576 26.26 -19.98 -1.46
C GLY A 576 26.16 -19.71 0.03
N ILE A 577 25.24 -20.40 0.72
CA ILE A 577 25.07 -20.18 2.15
C ILE A 577 26.35 -20.54 2.91
N GLU A 578 26.94 -21.69 2.58
CA GLU A 578 28.17 -22.09 3.25
C GLU A 578 29.26 -21.05 3.01
N ALA A 579 29.39 -20.57 1.77
CA ALA A 579 30.45 -19.60 1.49
C ALA A 579 30.23 -18.30 2.27
N LYS A 580 28.98 -17.87 2.42
CA LYS A 580 28.70 -16.65 3.18
C LYS A 580 29.09 -16.80 4.65
N ILE A 581 28.75 -17.94 5.24
CA ILE A 581 29.12 -18.21 6.63
C ILE A 581 30.64 -18.19 6.78
N ARG A 582 31.34 -18.95 5.96
CA ARG A 582 32.79 -19.00 6.08
C ARG A 582 33.41 -17.61 5.93
N ASP A 583 32.95 -16.84 4.94
CA ASP A 583 33.51 -15.50 4.72
C ASP A 583 33.23 -14.59 5.90
N TRP A 584 32.08 -14.74 6.52
CA TRP A 584 31.71 -13.88 7.64
C TRP A 584 32.46 -14.28 8.91
N LEU A 585 32.73 -15.56 9.08
CA LEU A 585 33.50 -16.01 10.25
C LEU A 585 35.00 -15.79 10.07
N PHE B 3 -29.24 14.83 31.63
CA PHE B 3 -28.54 16.09 31.43
C PHE B 3 -29.47 17.28 31.63
N ASP B 4 -29.42 18.26 30.71
CA ASP B 4 -30.33 19.42 30.75
C ASP B 4 -31.63 19.10 30.03
N ILE B 5 -32.53 18.41 30.74
CA ILE B 5 -33.85 18.09 30.19
C ILE B 5 -34.59 19.34 29.74
N ALA B 6 -34.34 20.48 30.39
CA ALA B 6 -35.09 21.68 30.06
C ALA B 6 -34.90 22.08 28.61
N LYS B 7 -33.63 22.14 28.16
CA LYS B 7 -33.29 22.55 26.81
C LYS B 7 -33.63 21.51 25.74
N TYR B 8 -33.56 20.21 26.05
CA TYR B 8 -33.72 19.17 25.04
C TYR B 8 -34.71 18.13 25.54
N PRO B 9 -36.00 18.48 25.60
CA PRO B 9 -36.96 17.61 26.32
C PRO B 9 -37.37 16.37 25.55
N THR B 10 -37.21 16.37 24.21
CA THR B 10 -37.41 15.19 23.38
C THR B 10 -36.16 14.31 23.40
N LEU B 11 -34.99 14.92 23.12
CA LEU B 11 -33.73 14.18 23.15
C LEU B 11 -33.54 13.47 24.48
N ALA B 12 -34.01 14.07 25.58
CA ALA B 12 -33.76 13.51 26.91
C ALA B 12 -34.33 12.12 27.03
N LEU B 13 -35.44 11.85 26.36
CA LEU B 13 -36.14 10.58 26.50
C LEU B 13 -35.60 9.49 25.61
N VAL B 14 -34.62 9.79 24.74
CA VAL B 14 -34.16 8.83 23.73
C VAL B 14 -32.64 8.67 23.81
N ASP B 15 -32.14 8.29 24.99
CA ASP B 15 -30.74 7.96 25.17
C ASP B 15 -30.34 6.67 24.42
N SER B 16 -31.30 5.81 24.09
CA SER B 16 -31.03 4.60 23.30
C SER B 16 -31.97 4.53 22.10
N THR B 17 -31.58 3.76 21.09
CA THR B 17 -32.41 3.67 19.90
C THR B 17 -33.74 2.97 20.13
N GLN B 18 -33.93 2.32 21.28
CA GLN B 18 -35.20 1.63 21.48
C GLN B 18 -36.31 2.60 21.86
N GLU B 19 -36.01 3.60 22.69
CA GLU B 19 -37.00 4.64 22.89
C GLU B 19 -37.09 5.54 21.67
N LEU B 20 -36.01 5.67 20.91
CA LEU B 20 -36.09 6.46 19.69
C LEU B 20 -37.19 5.92 18.78
N ARG B 21 -37.22 4.60 18.59
CA ARG B 21 -38.17 4.00 17.65
C ARG B 21 -39.59 3.95 18.23
N LEU B 22 -39.75 4.33 19.50
CA LEU B 22 -41.07 4.47 20.09
C LEU B 22 -41.63 5.88 19.95
N LEU B 23 -40.85 6.83 19.44
CA LEU B 23 -41.38 8.15 19.16
C LEU B 23 -42.32 8.07 17.96
N PRO B 24 -43.47 8.74 18.01
CA PRO B 24 -44.21 8.99 16.77
C PRO B 24 -43.38 9.80 15.78
N LYS B 25 -43.56 9.52 14.49
CA LYS B 25 -42.84 10.26 13.45
C LYS B 25 -42.86 11.76 13.69
N GLU B 26 -43.98 12.28 14.20
CA GLU B 26 -44.19 13.71 14.25
C GLU B 26 -43.24 14.43 15.20
N SER B 27 -42.61 13.70 16.11
CA SER B 27 -41.66 14.30 17.04
C SER B 27 -40.24 14.34 16.51
N LEU B 28 -39.94 13.60 15.44
CA LEU B 28 -38.58 13.56 14.92
C LEU B 28 -38.08 14.95 14.48
N PRO B 29 -38.88 15.81 13.85
CA PRO B 29 -38.34 17.14 13.51
C PRO B 29 -37.85 17.92 14.73
N LYS B 30 -38.63 17.95 15.82
CA LYS B 30 -38.19 18.63 17.01
C LYS B 30 -36.97 17.94 17.63
N LEU B 31 -37.00 16.61 17.67
CA LEU B 31 -35.81 15.87 18.08
C LEU B 31 -34.56 16.35 17.33
N CYS B 32 -34.66 16.52 16.00
CA CYS B 32 -33.51 16.94 15.20
C CYS B 32 -33.04 18.36 15.57
N ASP B 33 -33.95 19.29 15.75
CA ASP B 33 -33.56 20.60 16.26
C ASP B 33 -32.82 20.50 17.59
N GLU B 34 -33.32 19.67 18.51
CA GLU B 34 -32.70 19.55 19.83
C GLU B 34 -31.30 18.95 19.74
N LEU B 35 -31.14 17.90 18.92
CA LEU B 35 -29.84 17.26 18.79
C LEU B 35 -28.80 18.20 18.21
N ARG B 36 -29.19 19.01 17.22
CA ARG B 36 -28.25 19.99 16.67
C ARG B 36 -27.82 21.00 17.72
N ARG B 37 -28.77 21.51 18.51
CA ARG B 37 -28.38 22.45 19.57
C ARG B 37 -27.47 21.78 20.60
N TYR B 38 -27.71 20.50 20.90
CA TYR B 38 -26.90 19.81 21.90
C TYR B 38 -25.46 19.67 21.44
N LEU B 39 -25.26 19.33 20.16
CA LEU B 39 -23.91 19.24 19.62
C LEU B 39 -23.21 20.60 19.70
N LEU B 40 -23.90 21.67 19.28
CA LEU B 40 -23.32 23.02 19.42
C LEU B 40 -22.82 23.29 20.84
N ASP B 41 -23.59 22.86 21.85
CA ASP B 41 -23.29 23.24 23.21
C ASP B 41 -22.23 22.36 23.87
N SER B 42 -22.03 21.13 23.39
CA SER B 42 -21.28 20.12 24.14
C SER B 42 -19.87 19.83 23.61
N VAL B 43 -19.59 20.06 22.35
CA VAL B 43 -18.29 19.72 21.77
C VAL B 43 -17.24 20.84 21.82
N PHE B 50 -17.04 18.32 13.47
CA PHE B 50 -17.42 19.73 13.51
C PHE B 50 -18.70 19.98 12.70
N ALA B 51 -18.53 20.76 11.63
CA ALA B 51 -19.67 21.13 10.81
C ALA B 51 -20.35 19.91 10.21
N SER B 52 -19.58 18.88 9.83
CA SER B 52 -20.20 17.72 9.18
C SER B 52 -21.06 16.91 10.15
N GLY B 53 -20.78 16.97 11.45
CA GLY B 53 -21.68 16.34 12.41
C GLY B 53 -23.02 17.06 12.49
N LEU B 54 -23.00 18.38 12.66
CA LEU B 54 -24.26 19.12 12.49
C LEU B 54 -25.00 18.70 11.23
N GLY B 55 -24.30 18.53 10.12
CA GLY B 55 -24.98 18.30 8.86
C GLY B 55 -25.66 16.95 8.74
N THR B 56 -25.33 15.98 9.61
CA THR B 56 -25.88 14.65 9.52
C THR B 56 -26.92 14.34 10.60
N VAL B 57 -27.36 15.35 11.35
CA VAL B 57 -28.35 15.12 12.40
C VAL B 57 -29.57 14.39 11.85
N GLU B 58 -30.20 14.97 10.82
CA GLU B 58 -31.45 14.39 10.32
C GLU B 58 -31.22 12.99 9.74
N LEU B 59 -30.15 12.80 8.98
CA LEU B 59 -29.90 11.47 8.44
C LEU B 59 -29.74 10.46 9.57
N THR B 60 -29.03 10.83 10.63
CA THR B 60 -28.78 9.87 11.71
C THR B 60 -30.06 9.50 12.42
N VAL B 61 -30.89 10.48 12.73
CA VAL B 61 -32.19 10.18 13.34
C VAL B 61 -32.97 9.25 12.42
N ALA B 62 -33.01 9.55 11.12
CA ALA B 62 -33.80 8.73 10.22
C ALA B 62 -33.28 7.30 10.15
N LEU B 63 -31.95 7.13 10.08
CA LEU B 63 -31.37 5.80 9.98
C LEU B 63 -31.67 4.94 11.20
N HIS B 64 -31.40 5.46 12.41
CA HIS B 64 -31.66 4.65 13.58
C HIS B 64 -33.14 4.48 13.83
N TYR B 65 -33.98 5.35 13.27
CA TYR B 65 -35.41 5.18 13.48
C TYR B 65 -35.93 4.06 12.58
N VAL B 66 -35.40 3.96 11.37
CA VAL B 66 -35.84 3.01 10.36
C VAL B 66 -35.10 1.68 10.43
N TYR B 67 -33.79 1.69 10.64
CA TYR B 67 -33.07 0.44 10.70
C TYR B 67 -33.15 -0.12 12.11
N ASN B 68 -33.26 -1.45 12.22
CA ASN B 68 -33.26 -2.11 13.52
C ASN B 68 -31.83 -2.28 14.03
N THR B 69 -31.18 -1.15 14.30
CA THR B 69 -29.85 -1.21 14.92
C THR B 69 -30.00 -1.60 16.40
N PRO B 70 -29.03 -2.32 16.97
CA PRO B 70 -27.74 -2.71 16.41
C PRO B 70 -27.75 -4.05 15.65
N PHE B 71 -28.89 -4.73 15.52
CA PHE B 71 -28.97 -5.95 14.70
C PHE B 71 -28.68 -5.66 13.23
N ASP B 72 -29.46 -4.76 12.61
CA ASP B 72 -29.08 -4.24 11.30
C ASP B 72 -27.78 -3.47 11.43
N ARG B 73 -26.93 -3.56 10.39
CA ARG B 73 -25.58 -3.01 10.44
C ARG B 73 -25.51 -1.68 9.69
N LEU B 74 -25.14 -0.63 10.43
CA LEU B 74 -24.94 0.70 9.88
C LEU B 74 -23.45 1.06 9.99
N ILE B 75 -22.83 1.36 8.85
CA ILE B 75 -21.41 1.64 8.79
C ILE B 75 -21.20 3.08 8.36
N TRP B 76 -20.43 3.80 9.15
CA TRP B 76 -20.05 5.18 8.87
C TRP B 76 -18.65 5.22 8.27
N ASP B 77 -18.52 5.80 7.08
CA ASP B 77 -17.22 6.20 6.60
C ASP B 77 -16.68 7.31 7.52
N VAL B 78 -15.36 7.51 7.52
CA VAL B 78 -14.73 8.53 8.39
C VAL B 78 -15.43 9.90 8.36
N GLY B 79 -15.31 10.69 9.43
CA GLY B 79 -15.79 12.07 9.40
C GLY B 79 -16.42 12.34 10.76
N HIS B 80 -16.42 13.57 11.14
CA HIS B 80 -17.26 13.91 12.26
C HIS B 80 -18.74 13.82 11.92
N GLN B 81 -19.12 13.31 10.73
CA GLN B 81 -20.50 12.98 10.46
C GLN B 81 -21.10 12.00 11.49
N ALA B 82 -20.26 11.30 12.27
CA ALA B 82 -20.76 10.30 13.22
C ALA B 82 -20.97 10.83 14.65
N TYR B 83 -20.84 12.13 14.92
CA TYR B 83 -21.09 12.58 16.29
C TYR B 83 -22.52 12.31 16.71
N PRO B 84 -23.54 12.67 15.93
CA PRO B 84 -24.93 12.38 16.34
C PRO B 84 -25.17 10.88 16.61
N HIS B 85 -24.57 10.01 15.78
CA HIS B 85 -24.66 8.56 15.99
C HIS B 85 -24.31 8.19 17.44
N LYS B 86 -23.22 8.75 17.96
CA LYS B 86 -22.80 8.39 19.33
C LYS B 86 -23.75 8.94 20.37
N ILE B 87 -24.29 10.14 20.15
CA ILE B 87 -25.31 10.69 21.04
C ILE B 87 -26.56 9.85 21.07
N LEU B 88 -26.94 9.21 19.95
CA LEU B 88 -28.15 8.40 19.98
C LEU B 88 -27.89 6.97 20.38
N THR B 89 -26.65 6.60 20.59
CA THR B 89 -26.33 5.21 20.92
C THR B 89 -25.67 5.14 22.29
N GLY B 90 -26.23 5.88 23.24
CA GLY B 90 -25.94 5.69 24.65
C GLY B 90 -24.69 6.37 25.16
N ARG B 91 -24.02 7.19 24.35
CA ARG B 91 -22.78 7.81 24.78
C ARG B 91 -22.88 9.33 24.93
N ARG B 92 -24.09 9.88 24.95
CA ARG B 92 -24.16 11.35 24.96
C ARG B 92 -23.52 11.93 26.21
N ASP B 93 -23.53 11.21 27.33
CA ASP B 93 -22.94 11.73 28.56
C ASP B 93 -21.41 11.77 28.54
N LYS B 94 -20.79 11.27 27.46
CA LYS B 94 -19.33 11.25 27.28
C LYS B 94 -18.87 12.05 26.07
N ILE B 95 -19.78 12.75 25.38
CA ILE B 95 -19.35 13.39 24.16
C ILE B 95 -18.33 14.50 24.44
N GLY B 96 -18.26 14.99 25.68
CA GLY B 96 -17.27 15.99 26.05
C GLY B 96 -15.83 15.51 26.20
N THR B 97 -15.58 14.21 26.06
CA THR B 97 -14.24 13.63 26.19
C THR B 97 -13.63 13.28 24.85
N ILE B 98 -14.36 13.46 23.74
CA ILE B 98 -13.89 13.06 22.43
C ILE B 98 -12.48 13.55 22.23
N ARG B 99 -11.60 12.66 21.78
CA ARG B 99 -10.22 12.92 21.40
C ARG B 99 -9.32 13.12 22.61
N GLN B 100 -9.86 13.09 23.81
CA GLN B 100 -9.01 13.17 25.02
C GLN B 100 -8.45 11.78 25.40
N LYS B 101 -7.27 11.77 26.00
CA LYS B 101 -6.75 10.53 26.56
C LYS B 101 -7.83 9.91 27.44
N GLY B 102 -8.14 8.64 27.17
CA GLY B 102 -9.18 7.93 27.90
C GLY B 102 -10.62 8.23 27.52
N GLY B 103 -10.87 9.16 26.59
CA GLY B 103 -12.22 9.54 26.23
C GLY B 103 -12.77 8.73 25.06
N LEU B 104 -13.92 9.18 24.56
CA LEU B 104 -14.53 8.53 23.41
C LEU B 104 -13.59 8.71 22.24
N HIS B 105 -13.56 7.68 21.39
CA HIS B 105 -12.88 7.78 20.11
C HIS B 105 -13.55 8.85 19.24
N PRO B 106 -12.76 9.56 18.42
CA PRO B 106 -13.32 10.52 17.46
C PRO B 106 -14.32 9.91 16.47
N PHE B 107 -14.13 8.66 16.09
CA PHE B 107 -14.94 8.02 15.06
C PHE B 107 -15.44 6.73 15.68
N PRO B 108 -16.41 6.07 15.04
CA PRO B 108 -16.87 4.76 15.54
C PRO B 108 -15.68 3.84 15.73
N TRP B 109 -15.76 3.02 16.77
CA TRP B 109 -14.65 2.17 17.20
C TRP B 109 -15.25 0.88 17.72
N ARG B 110 -14.90 -0.23 17.07
CA ARG B 110 -15.60 -1.49 17.33
C ARG B 110 -15.66 -1.83 18.82
N GLY B 111 -14.54 -1.71 19.52
CA GLY B 111 -14.61 -2.01 21.00
C GLY B 111 -15.47 -1.07 21.84
N GLU B 112 -15.85 0.09 21.32
CA GLU B 112 -16.51 1.10 22.14
C GLU B 112 -18.02 0.90 22.23
N SER B 113 -18.63 0.23 21.25
CA SER B 113 -20.09 0.10 21.24
C SER B 113 -20.50 -0.98 20.26
N GLU B 114 -21.55 -1.75 20.61
CA GLU B 114 -22.08 -2.69 19.63
C GLU B 114 -22.73 -1.98 18.45
N TYR B 115 -22.99 -0.67 18.56
CA TYR B 115 -23.48 0.13 17.44
C TYR B 115 -22.37 0.59 16.50
N ASP B 116 -21.11 0.32 16.83
CA ASP B 116 -20.00 0.67 15.96
C ASP B 116 -19.54 -0.59 15.24
N VAL B 117 -19.91 -0.69 13.97
CA VAL B 117 -19.68 -1.91 13.17
C VAL B 117 -18.24 -1.99 12.69
N LEU B 118 -17.68 -0.85 12.31
CA LEU B 118 -16.38 -0.77 11.66
C LEU B 118 -15.60 0.39 12.25
N SER B 119 -14.36 0.15 12.68
CA SER B 119 -13.53 1.23 13.18
C SER B 119 -13.01 1.99 11.95
N VAL B 120 -13.14 3.32 11.96
CA VAL B 120 -12.76 4.11 10.78
C VAL B 120 -11.86 5.24 11.25
N GLY B 121 -11.28 5.91 10.28
CA GLY B 121 -10.32 6.98 10.55
C GLY B 121 -9.70 7.30 9.21
N HIS B 122 -9.03 6.34 8.59
CA HIS B 122 -8.86 6.40 7.14
C HIS B 122 -10.25 6.38 6.47
N SER B 123 -10.35 7.05 5.30
CA SER B 123 -11.58 7.25 4.56
C SER B 123 -11.82 6.12 3.56
N SER B 124 -13.08 5.98 3.18
CA SER B 124 -13.46 5.27 1.96
C SER B 124 -13.54 3.77 2.15
N THR B 125 -13.50 3.30 3.39
CA THR B 125 -13.53 1.87 3.67
C THR B 125 -14.96 1.34 3.84
N SER B 126 -15.94 2.24 3.96
CA SER B 126 -17.30 1.81 4.34
C SER B 126 -17.97 0.94 3.28
N ILE B 127 -17.87 1.28 2.00
CA ILE B 127 -18.58 0.46 0.99
C ILE B 127 -17.99 -0.94 0.94
N SER B 128 -16.65 -1.05 0.90
CA SER B 128 -16.00 -2.35 0.84
C SER B 128 -16.46 -3.21 2.00
N ALA B 129 -16.39 -2.65 3.22
CA ALA B 129 -16.80 -3.45 4.37
C ALA B 129 -18.30 -3.74 4.30
N GLY B 130 -19.09 -2.76 3.88
CA GLY B 130 -20.52 -2.96 3.80
C GLY B 130 -20.89 -4.10 2.85
N ILE B 131 -20.18 -4.23 1.73
CA ILE B 131 -20.42 -5.36 0.82
C ILE B 131 -20.15 -6.70 1.52
N GLY B 132 -19.06 -6.79 2.29
CA GLY B 132 -18.81 -8.03 3.02
C GLY B 132 -19.90 -8.33 4.05
N VAL B 133 -20.31 -7.30 4.80
CA VAL B 133 -21.38 -7.44 5.79
C VAL B 133 -22.68 -7.86 5.12
N ALA B 134 -22.99 -7.25 3.97
CA ALA B 134 -24.24 -7.57 3.26
C ALA B 134 -24.19 -8.98 2.69
N ILE B 135 -23.06 -9.39 2.10
CA ILE B 135 -22.93 -10.79 1.63
C ILE B 135 -23.07 -11.76 2.81
N ALA B 136 -22.46 -11.43 3.95
CA ALA B 136 -22.61 -12.28 5.13
C ALA B 136 -24.08 -12.34 5.56
N ALA B 137 -24.76 -11.20 5.51
CA ALA B 137 -26.13 -11.12 5.98
C ALA B 137 -27.03 -12.01 5.12
N ALA B 138 -26.79 -12.04 3.83
CA ALA B 138 -27.59 -12.88 2.94
C ALA B 138 -27.36 -14.34 3.26
N LYS B 139 -26.12 -14.73 3.50
CA LYS B 139 -25.85 -16.13 3.84
C LYS B 139 -26.43 -16.49 5.20
N GLU B 140 -26.41 -15.56 6.15
CA GLU B 140 -26.99 -15.80 7.46
C GLU B 140 -28.48 -16.11 7.34
N ASP B 141 -29.17 -15.42 6.43
CA ASP B 141 -30.58 -15.73 6.13
C ASP B 141 -31.48 -15.44 7.34
N LYS B 142 -31.15 -14.38 8.07
CA LYS B 142 -32.01 -13.89 9.15
C LYS B 142 -32.55 -12.50 8.88
N GLN B 143 -32.48 -12.04 7.63
CA GLN B 143 -33.06 -10.78 7.17
C GLN B 143 -32.39 -9.56 7.80
N ARG B 144 -31.11 -9.69 8.15
CA ARG B 144 -30.34 -8.56 8.63
C ARG B 144 -30.06 -7.60 7.47
N ARG B 145 -30.27 -6.29 7.68
CA ARG B 145 -30.02 -5.30 6.64
C ARG B 145 -28.68 -4.60 6.86
N ALA B 146 -28.15 -4.06 5.77
CA ALA B 146 -26.86 -3.37 5.75
C ALA B 146 -26.96 -2.00 5.07
N VAL B 147 -26.37 -0.99 5.69
CA VAL B 147 -26.37 0.36 5.14
C VAL B 147 -25.06 1.05 5.55
N CYS B 148 -24.48 1.79 4.63
CA CYS B 148 -23.30 2.56 4.93
C CYS B 148 -23.49 4.01 4.48
N VAL B 149 -22.73 4.90 5.10
CA VAL B 149 -22.82 6.34 4.83
C VAL B 149 -21.43 6.83 4.48
N ILE B 150 -21.27 7.39 3.28
CA ILE B 150 -19.96 7.80 2.79
C ILE B 150 -20.02 9.27 2.36
N GLY B 151 -18.99 10.02 2.70
CA GLY B 151 -18.89 11.42 2.29
C GLY B 151 -18.50 11.62 0.81
N ASP B 152 -18.77 12.82 0.29
CA ASP B 152 -18.44 13.08 -1.12
C ASP B 152 -16.93 13.14 -1.36
N GLY B 153 -16.12 13.52 -0.36
CA GLY B 153 -14.68 13.40 -0.54
C GLY B 153 -14.21 11.95 -0.51
N ALA B 154 -14.77 11.15 0.40
CA ALA B 154 -14.28 9.78 0.54
C ALA B 154 -14.61 8.95 -0.70
N ILE B 155 -15.66 9.28 -1.41
CA ILE B 155 -16.01 8.44 -2.55
C ILE B 155 -15.06 8.69 -3.74
N THR B 156 -14.12 9.64 -3.62
CA THR B 156 -13.07 9.82 -4.65
C THR B 156 -11.95 8.80 -4.57
N ALA B 157 -11.90 7.99 -3.53
CA ALA B 157 -10.81 7.07 -3.36
C ALA B 157 -10.96 5.86 -4.30
N GLY B 158 -9.81 5.36 -4.76
CA GLY B 158 -9.80 4.21 -5.65
C GLY B 158 -10.49 3.00 -5.05
N MET B 159 -10.32 2.76 -3.73
CA MET B 159 -10.99 1.58 -3.14
C MET B 159 -12.51 1.73 -3.11
N ALA B 160 -13.03 2.94 -3.08
CA ALA B 160 -14.48 3.10 -3.15
C ALA B 160 -14.99 2.75 -4.54
N PHE B 161 -14.24 3.12 -5.57
CA PHE B 161 -14.64 2.71 -6.93
C PHE B 161 -14.53 1.19 -7.06
N GLU B 162 -13.45 0.60 -6.56
CA GLU B 162 -13.34 -0.88 -6.60
C GLU B 162 -14.56 -1.54 -5.98
N ALA B 163 -14.97 -1.04 -4.80
CA ALA B 163 -16.14 -1.59 -4.10
C ALA B 163 -17.42 -1.40 -4.90
N MET B 164 -17.67 -0.19 -5.41
CA MET B 164 -18.89 0.03 -6.19
C MET B 164 -18.91 -0.88 -7.43
N ASN B 165 -17.76 -1.02 -8.11
CA ASN B 165 -17.71 -1.91 -9.26
C ASN B 165 -18.00 -3.37 -8.85
N HIS B 166 -17.46 -3.83 -7.72
CA HIS B 166 -17.79 -5.18 -7.25
C HIS B 166 -19.26 -5.30 -6.87
N ALA B 167 -19.84 -4.24 -6.28
CA ALA B 167 -21.26 -4.29 -5.94
C ALA B 167 -22.10 -4.46 -7.19
N GLY B 168 -21.70 -3.80 -8.27
CA GLY B 168 -22.46 -3.92 -9.52
C GLY B 168 -22.40 -5.33 -10.08
N ASP B 169 -21.30 -6.03 -9.85
CA ASP B 169 -21.11 -7.41 -10.28
C ASP B 169 -21.92 -8.37 -9.42
N ILE B 170 -21.65 -8.42 -8.11
CA ILE B 170 -22.30 -9.45 -7.31
C ILE B 170 -23.63 -9.05 -6.70
N LYS B 171 -23.96 -7.76 -6.71
CA LYS B 171 -25.32 -7.31 -6.42
C LYS B 171 -25.72 -7.63 -4.96
N PRO B 172 -24.93 -7.18 -3.99
CA PRO B 172 -25.30 -7.35 -2.57
C PRO B 172 -26.50 -6.46 -2.21
N ASP B 173 -27.20 -6.87 -1.14
CA ASP B 173 -28.31 -6.08 -0.56
C ASP B 173 -27.69 -5.05 0.39
N LEU B 174 -27.21 -3.95 -0.21
CA LEU B 174 -26.54 -2.89 0.51
C LEU B 174 -27.06 -1.54 0.03
N LEU B 175 -27.44 -0.70 0.98
CA LEU B 175 -27.74 0.71 0.71
C LEU B 175 -26.48 1.53 0.97
N VAL B 176 -26.05 2.29 -0.04
CA VAL B 176 -24.98 3.25 0.14
C VAL B 176 -25.64 4.62 0.16
N VAL B 177 -25.40 5.38 1.21
CA VAL B 177 -25.90 6.75 1.32
C VAL B 177 -24.73 7.68 1.05
N LEU B 178 -24.83 8.48 -0.02
CA LEU B 178 -23.81 9.49 -0.28
C LEU B 178 -24.21 10.77 0.45
N ASN B 179 -23.42 11.16 1.46
CA ASN B 179 -23.66 12.33 2.29
C ASN B 179 -22.89 13.48 1.66
N ASP B 180 -23.56 14.17 0.71
CA ASP B 180 -22.94 15.10 -0.24
C ASP B 180 -23.06 16.53 0.25
N ASN B 181 -21.98 17.07 0.80
CA ASN B 181 -21.99 18.48 1.15
C ASN B 181 -20.99 19.30 0.32
N GLY B 203 -27.60 14.11 -18.51
CA GLY B 203 -26.62 13.97 -17.45
C GLY B 203 -27.21 13.78 -16.07
N GLY B 204 -26.62 14.47 -15.08
CA GLY B 204 -27.04 14.37 -13.71
C GLY B 204 -26.09 13.54 -12.89
N PRO B 205 -26.08 13.75 -11.57
CA PRO B 205 -25.08 13.06 -10.74
C PRO B 205 -25.25 11.55 -10.69
N GLY B 206 -26.48 11.05 -10.87
CA GLY B 206 -26.72 9.62 -10.71
C GLY B 206 -26.10 8.72 -11.78
N THR B 207 -25.77 9.26 -12.97
CA THR B 207 -25.41 8.37 -14.11
C THR B 207 -24.18 7.51 -13.78
N LEU B 208 -23.16 8.09 -13.18
CA LEU B 208 -21.98 7.34 -12.79
C LEU B 208 -22.34 6.13 -11.91
N PHE B 209 -23.12 6.35 -10.84
CA PHE B 209 -23.47 5.27 -9.93
C PHE B 209 -24.40 4.27 -10.60
N GLU B 210 -25.27 4.75 -11.47
CA GLU B 210 -26.07 3.83 -12.27
C GLU B 210 -25.17 2.97 -13.15
N GLU B 211 -24.16 3.57 -13.80
CA GLU B 211 -23.29 2.79 -14.67
C GLU B 211 -22.50 1.75 -13.90
N LEU B 212 -22.16 2.04 -12.63
CA LEU B 212 -21.45 1.07 -11.82
C LEU B 212 -22.36 -0.04 -11.31
N GLY B 213 -23.68 0.16 -11.41
CA GLY B 213 -24.61 -0.93 -11.20
C GLY B 213 -25.57 -0.70 -10.05
N PHE B 214 -25.65 0.52 -9.53
CA PHE B 214 -26.59 0.81 -8.45
C PHE B 214 -27.94 1.27 -8.97
N ASN B 215 -28.99 0.99 -8.19
CA ASN B 215 -30.25 1.71 -8.30
C ASN B 215 -30.10 3.03 -7.56
N TYR B 216 -30.22 4.15 -8.29
CA TYR B 216 -29.88 5.47 -7.75
C TYR B 216 -31.14 6.29 -7.51
N ILE B 217 -31.20 6.92 -6.32
CA ILE B 217 -32.29 7.79 -5.94
C ILE B 217 -31.70 9.10 -5.46
N GLY B 218 -32.21 10.23 -5.99
CA GLY B 218 -31.80 11.52 -5.49
C GLY B 218 -31.35 12.47 -6.57
N PRO B 219 -30.75 13.60 -6.15
CA PRO B 219 -30.41 13.93 -4.77
C PRO B 219 -31.63 14.34 -3.99
N VAL B 220 -31.72 14.02 -2.70
CA VAL B 220 -32.86 14.37 -1.86
C VAL B 220 -32.39 15.37 -0.80
N ASP B 221 -33.36 16.01 -0.17
CA ASP B 221 -33.10 16.94 0.93
C ASP B 221 -32.65 16.13 2.14
N GLY B 222 -31.36 16.26 2.50
CA GLY B 222 -30.78 15.61 3.65
C GLY B 222 -31.18 16.20 4.98
N HIS B 223 -31.99 17.28 4.99
CA HIS B 223 -32.45 17.87 6.24
C HIS B 223 -33.97 17.79 6.39
N ASP B 224 -34.62 16.95 5.58
CA ASP B 224 -36.05 16.64 5.72
C ASP B 224 -36.15 15.25 6.37
N VAL B 225 -36.22 15.23 7.71
CA VAL B 225 -36.12 13.94 8.43
C VAL B 225 -37.30 13.04 8.07
N LEU B 226 -38.49 13.62 7.93
CA LEU B 226 -39.65 12.80 7.58
C LEU B 226 -39.51 12.28 6.15
N GLY B 227 -38.99 13.10 5.24
CA GLY B 227 -38.74 12.62 3.90
C GLY B 227 -37.70 11.51 3.87
N LEU B 228 -36.70 11.60 4.73
CA LEU B 228 -35.67 10.55 4.76
C LEU B 228 -36.23 9.25 5.35
N VAL B 229 -37.05 9.37 6.39
CA VAL B 229 -37.65 8.17 6.98
C VAL B 229 -38.45 7.41 5.94
N SER B 230 -39.27 8.13 5.15
CA SER B 230 -40.04 7.48 4.10
C SER B 230 -39.13 6.86 3.05
N THR B 231 -38.12 7.60 2.58
CA THR B 231 -37.23 7.06 1.57
C THR B 231 -36.42 5.86 2.10
N LEU B 232 -35.85 5.98 3.31
CA LEU B 232 -35.06 4.87 3.87
C LEU B 232 -35.94 3.64 4.09
N LYS B 233 -37.17 3.84 4.60
CA LYS B 233 -38.07 2.71 4.77
C LYS B 233 -38.20 1.91 3.48
N ASN B 234 -38.41 2.61 2.34
CA ASN B 234 -38.56 1.92 1.06
C ASN B 234 -37.26 1.23 0.65
N MET B 235 -36.16 1.96 0.68
CA MET B 235 -34.93 1.45 0.09
C MET B 235 -34.34 0.33 0.94
N ARG B 236 -34.57 0.37 2.25
CA ARG B 236 -34.15 -0.74 3.12
C ARG B 236 -34.78 -2.06 2.69
N ASP B 237 -35.96 -2.01 2.10
CA ASP B 237 -36.65 -3.20 1.66
C ASP B 237 -36.33 -3.61 0.24
N LEU B 238 -35.60 -2.81 -0.53
CA LEU B 238 -35.27 -3.20 -1.88
C LEU B 238 -34.09 -4.18 -1.88
N LYS B 239 -34.04 -5.00 -2.92
CA LYS B 239 -32.94 -5.93 -3.08
C LYS B 239 -31.83 -5.29 -3.91
N GLY B 240 -30.61 -5.78 -3.70
CA GLY B 240 -29.54 -5.39 -4.55
C GLY B 240 -28.94 -4.07 -4.13
N PRO B 241 -27.92 -3.65 -4.86
CA PRO B 241 -27.20 -2.42 -4.51
C PRO B 241 -28.04 -1.17 -4.73
N GLN B 242 -28.25 -0.42 -3.64
CA GLN B 242 -29.05 0.78 -3.60
C GLN B 242 -28.16 1.96 -3.25
N PHE B 243 -28.48 3.12 -3.82
CA PHE B 243 -27.65 4.31 -3.69
C PHE B 243 -28.60 5.49 -3.47
N LEU B 244 -28.52 6.09 -2.28
CA LEU B 244 -29.30 7.28 -1.93
C LEU B 244 -28.34 8.46 -1.80
N HIS B 245 -28.57 9.49 -2.59
CA HIS B 245 -27.73 10.69 -2.62
C HIS B 245 -28.48 11.81 -1.90
N ILE B 246 -27.91 12.30 -0.81
CA ILE B 246 -28.56 13.36 -0.04
C ILE B 246 -27.71 14.62 -0.14
N MET B 247 -28.40 15.75 -0.06
CA MET B 247 -27.85 17.11 -0.02
C MET B 247 -28.38 17.77 1.26
N LEU B 284 6.36 29.38 17.78
CA LEU B 284 7.25 28.63 16.91
C LEU B 284 6.50 28.02 15.75
N PRO B 285 7.16 27.99 14.60
CA PRO B 285 6.48 27.51 13.39
C PRO B 285 6.31 26.01 13.46
N SER B 286 5.19 25.52 12.94
CA SER B 286 5.06 24.06 12.81
C SER B 286 5.97 23.56 11.70
N TYR B 287 6.25 22.25 11.73
CA TYR B 287 6.97 21.67 10.61
C TYR B 287 6.18 21.84 9.31
N SER B 288 4.85 21.78 9.36
CA SER B 288 4.06 21.96 8.15
C SER B 288 4.30 23.32 7.55
N LYS B 289 4.39 24.34 8.41
CA LYS B 289 4.62 25.70 7.92
C LYS B 289 6.04 25.84 7.40
N ILE B 290 7.00 25.22 8.07
CA ILE B 290 8.37 25.19 7.57
C ILE B 290 8.41 24.61 6.16
N PHE B 291 7.68 23.52 5.94
CA PHE B 291 7.64 22.86 4.63
C PHE B 291 6.98 23.77 3.59
N GLY B 292 5.82 24.32 3.92
CA GLY B 292 5.14 25.19 2.96
C GLY B 292 5.95 26.42 2.60
N ASP B 293 6.62 27.02 3.60
CA ASP B 293 7.50 28.14 3.31
C ASP B 293 8.64 27.73 2.40
N TRP B 294 9.19 26.53 2.61
CA TRP B 294 10.28 26.06 1.75
C TRP B 294 9.80 25.83 0.32
N LEU B 295 8.60 25.32 0.15
CA LEU B 295 8.03 25.14 -1.20
C LEU B 295 7.92 26.47 -1.91
N CYS B 296 7.40 27.48 -1.20
CA CYS B 296 7.28 28.79 -1.81
C CYS B 296 8.64 29.33 -2.20
N GLU B 297 9.64 29.23 -1.33
CA GLU B 297 10.92 29.83 -1.66
C GLU B 297 11.57 29.16 -2.84
N THR B 298 11.42 27.83 -2.92
CA THR B 298 12.02 27.05 -4.01
C THR B 298 11.32 27.33 -5.33
N ALA B 299 9.99 27.29 -5.34
CA ALA B 299 9.24 27.56 -6.58
C ALA B 299 9.45 28.97 -7.07
N ALA B 300 9.78 29.91 -6.18
CA ALA B 300 9.96 31.29 -6.62
C ALA B 300 11.14 31.42 -7.57
N LYS B 301 12.10 30.53 -7.46
CA LYS B 301 13.35 30.61 -8.21
C LYS B 301 13.59 29.40 -9.08
N ASP B 302 12.62 28.49 -9.16
CA ASP B 302 12.82 27.24 -9.88
C ASP B 302 11.49 26.82 -10.48
N ASN B 303 11.38 26.92 -11.80
CA ASN B 303 10.15 26.56 -12.50
C ASN B 303 9.84 25.07 -12.47
N LYS B 304 10.79 24.23 -12.04
CA LYS B 304 10.57 22.78 -12.12
C LYS B 304 9.77 22.26 -10.94
N LEU B 305 9.72 23.00 -9.83
CA LEU B 305 9.08 22.48 -8.62
C LEU B 305 7.58 22.30 -8.85
N MET B 306 7.06 21.11 -8.51
CA MET B 306 5.62 20.85 -8.48
C MET B 306 5.29 20.18 -7.16
N ALA B 307 4.16 20.53 -6.54
CA ALA B 307 3.80 19.93 -5.25
C ALA B 307 2.42 19.32 -5.32
N ILE B 308 2.28 18.11 -4.73
CA ILE B 308 1.07 17.31 -4.80
C ILE B 308 0.58 17.01 -3.40
N THR B 309 -0.73 17.10 -3.18
CA THR B 309 -1.33 16.60 -1.94
C THR B 309 -2.56 15.78 -2.27
N PRO B 310 -2.79 14.63 -1.53
CA PRO B 310 -4.06 13.91 -1.67
C PRO B 310 -5.02 14.50 -0.65
N ALA B 311 -5.56 15.67 -1.00
CA ALA B 311 -6.64 16.38 -0.30
C ALA B 311 -6.29 16.79 1.12
N MET B 312 -5.04 17.11 1.39
CA MET B 312 -4.68 17.55 2.74
C MET B 312 -3.92 18.87 2.67
N ARG B 313 -4.46 19.83 1.90
CA ARG B 313 -3.78 21.10 1.71
C ARG B 313 -3.46 21.81 3.04
N GLU B 314 -4.48 22.00 3.87
CA GLU B 314 -4.28 22.77 5.10
C GLU B 314 -3.34 22.01 6.04
N GLY B 315 -3.59 20.71 6.21
CA GLY B 315 -2.80 19.95 7.18
C GLY B 315 -1.33 19.88 6.81
N SER B 316 -1.03 19.76 5.52
CA SER B 316 0.35 19.71 5.05
C SER B 316 1.00 21.11 4.93
N GLY B 317 0.32 22.17 5.34
CA GLY B 317 0.89 23.53 5.31
C GLY B 317 0.92 24.23 3.94
N MET B 318 0.03 23.87 3.04
CA MET B 318 0.19 24.25 1.64
C MET B 318 -0.79 25.36 1.22
N VAL B 319 -1.44 26.05 2.16
CA VAL B 319 -2.44 27.02 1.73
C VAL B 319 -1.80 28.17 0.96
N GLU B 320 -0.75 28.76 1.52
CA GLU B 320 -0.15 29.92 0.86
C GLU B 320 0.46 29.50 -0.47
N PHE B 321 1.13 28.33 -0.50
CA PHE B 321 1.70 27.85 -1.73
C PHE B 321 0.63 27.70 -2.81
N SER B 322 -0.51 27.12 -2.44
CA SER B 322 -1.60 26.95 -3.40
C SER B 322 -2.07 28.28 -3.95
N LYS B 323 -1.99 29.35 -3.15
CA LYS B 323 -2.43 30.66 -3.65
C LYS B 323 -1.37 31.37 -4.49
N LYS B 324 -0.09 31.19 -4.18
CA LYS B 324 0.98 31.86 -4.89
C LYS B 324 1.44 31.09 -6.13
N PHE B 325 1.26 29.75 -6.16
CA PHE B 325 1.74 28.92 -7.26
C PHE B 325 0.64 27.95 -7.71
N PRO B 326 -0.52 28.48 -8.09
CA PRO B 326 -1.66 27.59 -8.38
C PRO B 326 -1.37 26.62 -9.51
N ASP B 327 -0.49 27.02 -10.44
CA ASP B 327 -0.06 26.29 -11.62
C ASP B 327 0.91 25.18 -11.28
N ARG B 328 1.39 25.16 -10.05
CA ARG B 328 2.35 24.16 -9.62
C ARG B 328 1.82 23.34 -8.46
N TYR B 329 0.55 23.47 -8.16
CA TYR B 329 -0.06 22.82 -7.01
C TYR B 329 -1.14 21.90 -7.55
N PHE B 330 -1.15 20.66 -7.04
CA PHE B 330 -2.09 19.65 -7.48
C PHE B 330 -2.71 18.98 -6.27
N ASP B 331 -3.98 19.24 -6.01
CA ASP B 331 -4.77 18.46 -5.07
C ASP B 331 -5.43 17.33 -5.88
N VAL B 332 -5.11 16.06 -5.59
CA VAL B 332 -5.63 14.98 -6.43
C VAL B 332 -6.83 14.30 -5.80
N ALA B 333 -7.44 14.93 -4.78
CA ALA B 333 -8.55 14.37 -4.00
C ALA B 333 -7.99 13.28 -3.07
N ILE B 334 -8.85 12.42 -2.55
CA ILE B 334 -8.36 11.46 -1.53
C ILE B 334 -7.81 10.25 -2.26
N ALA B 335 -6.63 10.40 -2.85
CA ALA B 335 -6.17 9.52 -3.91
C ALA B 335 -4.65 9.41 -3.79
N GLU B 336 -4.21 8.79 -2.69
CA GLU B 336 -2.79 8.64 -2.43
C GLU B 336 -2.09 7.88 -3.53
N GLN B 337 -2.72 6.80 -4.02
CA GLN B 337 -2.09 6.00 -5.06
C GLN B 337 -1.79 6.85 -6.29
N HIS B 338 -2.82 7.52 -6.83
CA HIS B 338 -2.60 8.36 -7.98
C HIS B 338 -1.65 9.52 -7.65
N ALA B 339 -1.66 10.02 -6.41
CA ALA B 339 -0.75 11.12 -6.10
C ALA B 339 0.68 10.73 -6.46
N VAL B 340 1.10 9.53 -6.02
CA VAL B 340 2.48 9.12 -6.20
C VAL B 340 2.80 8.84 -7.66
N THR B 341 1.91 8.12 -8.35
CA THR B 341 2.25 7.79 -9.72
C THR B 341 2.09 8.99 -10.64
N PHE B 342 1.19 9.89 -10.33
CA PHE B 342 1.17 11.19 -11.02
C PHE B 342 2.52 11.91 -10.87
N ALA B 343 3.05 11.96 -9.64
CA ALA B 343 4.40 12.51 -9.43
C ALA B 343 5.44 11.80 -10.29
N ALA B 344 5.37 10.46 -10.38
CA ALA B 344 6.34 9.74 -11.22
C ALA B 344 6.25 10.24 -12.67
N GLY B 345 5.05 10.47 -13.18
CA GLY B 345 4.92 11.00 -14.53
C GLY B 345 5.53 12.40 -14.69
N LEU B 346 5.31 13.29 -13.72
CA LEU B 346 5.96 14.61 -13.76
C LEU B 346 7.48 14.48 -13.80
N ALA B 347 8.04 13.52 -13.04
CA ALA B 347 9.48 13.33 -13.02
C ALA B 347 10.00 12.78 -14.34
N ILE B 348 9.27 11.83 -14.92
CA ILE B 348 9.58 11.38 -16.28
C ILE B 348 9.62 12.57 -17.24
N GLY B 349 8.67 13.51 -17.08
CA GLY B 349 8.65 14.75 -17.86
C GLY B 349 9.67 15.81 -17.48
N ASP B 350 10.56 15.50 -16.53
CA ASP B 350 11.73 16.32 -16.18
C ASP B 350 11.32 17.52 -15.34
N TYR B 351 10.21 17.41 -14.62
CA TYR B 351 9.87 18.32 -13.52
C TYR B 351 10.28 17.65 -12.21
N LYS B 352 10.16 18.39 -11.11
CA LYS B 352 10.68 17.94 -9.82
C LYS B 352 9.51 17.93 -8.85
N PRO B 353 8.81 16.81 -8.74
CA PRO B 353 7.59 16.80 -7.93
C PRO B 353 7.91 16.52 -6.46
N VAL B 354 7.14 17.16 -5.60
CA VAL B 354 7.19 16.91 -4.16
C VAL B 354 5.82 16.39 -3.75
N VAL B 355 5.78 15.18 -3.19
CA VAL B 355 4.52 14.59 -2.74
C VAL B 355 4.43 14.90 -1.25
N ALA B 356 3.43 15.70 -0.85
CA ALA B 356 3.19 15.96 0.59
C ALA B 356 2.13 14.99 1.08
N ILE B 357 2.45 14.20 2.09
CA ILE B 357 1.53 13.14 2.48
C ILE B 357 1.82 12.75 3.94
N TYR B 358 0.77 12.46 4.68
CA TYR B 358 0.99 12.04 6.08
C TYR B 358 1.56 10.61 6.09
N SER B 359 2.35 10.32 7.13
CA SER B 359 2.92 8.96 7.23
C SER B 359 1.82 7.91 7.15
N THR B 360 0.71 8.14 7.89
CA THR B 360 -0.32 7.09 7.99
C THR B 360 -0.99 6.89 6.62
N PHE B 361 -1.18 7.97 5.85
CA PHE B 361 -1.79 7.83 4.51
C PHE B 361 -0.82 7.29 3.48
N LEU B 362 0.47 7.48 3.69
CA LEU B 362 1.41 6.91 2.76
C LEU B 362 1.28 5.39 2.74
N GLN B 363 0.78 4.79 3.81
CA GLN B 363 0.54 3.34 3.81
C GLN B 363 -0.24 2.93 2.58
N ARG B 364 -1.20 3.77 2.18
CA ARG B 364 -2.07 3.39 1.07
C ARG B 364 -1.41 3.54 -0.31
N ALA B 365 -0.26 4.23 -0.43
CA ALA B 365 0.43 4.39 -1.70
C ALA B 365 1.73 3.59 -1.76
N TYR B 366 1.90 2.59 -0.87
CA TYR B 366 3.16 1.86 -0.77
C TYR B 366 3.55 1.20 -2.07
N ASP B 367 2.58 0.60 -2.81
CA ASP B 367 2.95 -0.06 -4.06
C ASP B 367 3.40 0.96 -5.10
N GLN B 368 2.83 2.15 -5.10
CA GLN B 368 3.27 3.15 -6.08
C GLN B 368 4.64 3.67 -5.70
N VAL B 369 4.94 3.78 -4.40
CA VAL B 369 6.29 4.14 -4.01
C VAL B 369 7.28 3.10 -4.51
N ILE B 370 6.96 1.82 -4.28
CA ILE B 370 7.92 0.77 -4.63
C ILE B 370 8.07 0.65 -6.14
N HIS B 371 6.96 0.46 -6.84
CA HIS B 371 6.92 0.03 -8.24
C HIS B 371 6.99 1.21 -9.20
N ASP B 372 6.37 2.32 -8.87
CA ASP B 372 6.34 3.46 -9.80
C ASP B 372 7.38 4.51 -9.50
N VAL B 373 8.18 4.36 -8.43
CA VAL B 373 9.17 5.38 -8.10
C VAL B 373 10.51 4.71 -7.85
N ALA B 374 10.59 3.83 -6.84
CA ALA B 374 11.89 3.23 -6.52
C ALA B 374 12.40 2.34 -7.65
N ILE B 375 11.55 1.43 -8.17
CA ILE B 375 12.01 0.57 -9.28
C ILE B 375 12.38 1.39 -10.52
N GLN B 376 11.75 2.56 -10.71
CA GLN B 376 12.04 3.45 -11.82
C GLN B 376 13.27 4.31 -11.59
N LYS B 377 13.79 4.34 -10.36
CA LYS B 377 14.82 5.29 -9.92
C LYS B 377 14.40 6.73 -10.21
N LEU B 378 13.12 7.03 -10.05
CA LEU B 378 12.73 8.43 -10.37
C LEU B 378 12.91 9.34 -9.15
N PRO B 379 13.38 10.61 -9.32
CA PRO B 379 13.76 11.44 -8.17
C PRO B 379 12.60 12.22 -7.56
N VAL B 380 11.61 11.51 -7.06
CA VAL B 380 10.46 12.12 -6.39
C VAL B 380 10.85 12.40 -4.95
N LEU B 381 10.41 13.54 -4.43
CA LEU B 381 10.63 13.93 -3.03
C LEU B 381 9.35 13.71 -2.25
N PHE B 382 9.43 12.92 -1.16
CA PHE B 382 8.30 12.72 -0.25
C PHE B 382 8.49 13.55 1.00
N ALA B 383 7.54 14.45 1.29
CA ALA B 383 7.55 15.31 2.48
C ALA B 383 6.50 14.73 3.41
N ILE B 384 6.95 13.94 4.40
CA ILE B 384 6.06 13.07 5.14
C ILE B 384 5.76 13.76 6.46
N ASP B 385 4.55 14.28 6.59
CA ASP B 385 4.04 14.99 7.77
C ASP B 385 3.40 13.99 8.72
N ARG B 386 3.08 14.46 9.95
CA ARG B 386 2.44 13.63 10.99
C ARG B 386 3.24 12.34 11.22
N ALA B 387 4.56 12.45 11.18
CA ALA B 387 5.39 11.28 11.45
C ALA B 387 5.51 11.09 12.95
N GLY B 388 5.53 9.83 13.40
CA GLY B 388 5.57 9.60 14.84
C GLY B 388 4.19 9.71 15.49
N ILE B 389 4.17 10.17 16.74
CA ILE B 389 2.94 10.25 17.52
C ILE B 389 2.15 11.48 17.09
N VAL B 390 0.87 11.30 16.73
CA VAL B 390 0.07 12.41 16.19
C VAL B 390 -0.90 12.99 17.21
N GLY B 391 -1.11 12.33 18.35
CA GLY B 391 -1.92 12.93 19.39
C GLY B 391 -3.38 12.52 19.31
N ALA B 392 -4.26 13.51 19.18
CA ALA B 392 -5.71 13.32 19.39
C ALA B 392 -6.35 12.31 18.41
N ASP B 393 -5.83 12.15 17.20
CA ASP B 393 -6.52 11.27 16.23
C ASP B 393 -6.33 9.78 16.54
N GLY B 394 -5.37 9.42 17.42
CA GLY B 394 -5.35 8.07 17.90
C GLY B 394 -4.84 7.03 16.90
N GLN B 395 -5.23 5.77 17.16
CA GLN B 395 -4.61 4.62 16.49
C GLN B 395 -4.63 4.70 14.97
N THR B 396 -5.75 5.09 14.39
CA THR B 396 -5.89 5.00 12.93
C THR B 396 -4.96 5.96 12.18
N HIS B 397 -4.37 6.95 12.86
CA HIS B 397 -3.66 8.06 12.22
C HIS B 397 -2.18 8.17 12.56
N GLN B 398 -1.63 7.26 13.37
CA GLN B 398 -0.27 7.44 13.87
C GLN B 398 0.70 7.30 12.72
N GLY B 399 1.79 8.06 12.77
CA GLY B 399 2.85 7.96 11.77
C GLY B 399 3.85 6.94 12.29
N ALA B 400 3.40 5.68 12.50
CA ALA B 400 4.18 4.76 13.34
C ALA B 400 5.13 3.87 12.55
N PHE B 401 4.97 3.77 11.21
CA PHE B 401 5.65 2.70 10.49
C PHE B 401 6.52 3.10 9.30
N ASP B 402 6.56 4.41 8.91
CA ASP B 402 7.22 4.74 7.63
C ASP B 402 8.71 4.46 7.64
N LEU B 403 9.40 4.54 8.79
CA LEU B 403 10.82 4.20 8.77
C LEU B 403 10.99 2.70 8.56
N SER B 404 10.02 1.89 9.02
CA SER B 404 10.14 0.46 8.81
C SER B 404 9.79 0.11 7.36
N PHE B 405 8.63 0.58 6.88
CA PHE B 405 8.24 0.11 5.55
C PHE B 405 9.02 0.82 4.44
N LEU B 406 9.57 2.04 4.67
CA LEU B 406 10.38 2.59 3.58
C LEU B 406 11.78 1.99 3.54
N ARG B 407 12.40 1.62 4.68
CA ARG B 407 13.83 1.33 4.57
C ARG B 407 14.12 -0.05 4.01
N CYS B 408 13.11 -0.91 3.91
CA CYS B 408 13.41 -2.19 3.27
C CYS B 408 13.40 -2.11 1.74
N ILE B 409 13.03 -0.96 1.17
CA ILE B 409 12.89 -0.80 -0.27
C ILE B 409 14.23 -0.35 -0.86
N PRO B 410 14.79 -1.05 -1.83
CA PRO B 410 16.05 -0.61 -2.45
C PRO B 410 15.94 0.80 -3.01
N ASP B 411 17.08 1.50 -3.03
CA ASP B 411 17.19 2.77 -3.75
C ASP B 411 16.26 3.83 -3.19
N MET B 412 15.94 3.73 -1.90
CA MET B 412 15.21 4.79 -1.21
C MET B 412 16.15 5.48 -0.24
N VAL B 413 16.14 6.81 -0.22
CA VAL B 413 16.83 7.62 0.79
C VAL B 413 15.81 8.09 1.81
N VAL B 414 16.13 7.94 3.09
CA VAL B 414 15.18 8.23 4.14
C VAL B 414 15.86 9.10 5.19
N MET B 415 15.29 10.27 5.43
CA MET B 415 15.89 11.31 6.28
C MET B 415 14.94 11.72 7.40
N THR B 416 15.49 11.91 8.59
CA THR B 416 14.74 12.22 9.80
C THR B 416 15.31 13.49 10.43
N PRO B 417 14.82 14.67 10.07
CA PRO B 417 15.37 15.90 10.67
C PRO B 417 15.07 15.98 12.15
N SER B 418 16.03 16.55 12.91
CA SER B 418 15.86 16.73 14.35
C SER B 418 15.37 18.13 14.75
N ASP B 419 15.27 19.10 13.82
CA ASP B 419 14.69 20.42 14.11
C ASP B 419 14.31 21.10 12.77
N GLU B 420 13.78 22.34 12.82
CA GLU B 420 13.32 23.05 11.61
C GLU B 420 14.44 23.29 10.60
N ASN B 421 15.64 23.59 11.07
CA ASN B 421 16.74 23.86 10.16
C ASN B 421 17.17 22.60 9.42
N GLU B 422 17.38 21.52 10.16
CA GLU B 422 17.63 20.23 9.52
C GLU B 422 16.52 19.88 8.53
N CYS B 423 15.28 20.14 8.90
CA CYS B 423 14.18 19.82 8.01
C CYS B 423 14.35 20.52 6.66
N ARG B 424 14.65 21.82 6.69
CA ARG B 424 14.90 22.56 5.45
C ARG B 424 16.12 22.04 4.73
N GLN B 425 17.22 21.77 5.47
CA GLN B 425 18.40 21.25 4.79
C GLN B 425 18.08 19.94 4.10
N MET B 426 17.19 19.12 4.71
CA MET B 426 16.99 17.80 4.14
C MET B 426 16.05 17.86 2.94
N LEU B 427 15.03 18.73 3.02
CA LEU B 427 14.19 18.99 1.86
C LEU B 427 15.03 19.47 0.68
N TYR B 428 15.93 20.42 0.94
CA TYR B 428 16.82 20.89 -0.11
C TYR B 428 17.69 19.75 -0.63
N THR B 429 18.22 18.91 0.27
CA THR B 429 19.06 17.81 -0.16
C THR B 429 18.28 16.82 -1.04
N GLY B 430 17.10 16.39 -0.59
CA GLY B 430 16.34 15.45 -1.40
C GLY B 430 15.88 16.08 -2.71
N TYR B 431 15.58 17.37 -2.69
CA TYR B 431 15.12 18.03 -3.90
C TYR B 431 16.19 18.05 -4.96
N HIS B 432 17.45 18.17 -4.57
CA HIS B 432 18.56 18.23 -5.52
C HIS B 432 19.24 16.90 -5.73
N TYR B 433 18.75 15.85 -5.10
CA TYR B 433 19.26 14.49 -5.30
C TYR B 433 18.57 13.87 -6.50
N SER B 434 19.34 13.49 -7.51
CA SER B 434 18.73 13.08 -8.78
C SER B 434 18.79 11.58 -9.04
N ASP B 435 19.45 10.78 -8.18
CA ASP B 435 19.66 9.36 -8.47
C ASP B 435 18.47 8.50 -8.17
N GLY B 436 17.54 8.96 -7.34
CA GLY B 436 16.39 8.17 -6.96
C GLY B 436 15.58 8.94 -5.95
N PRO B 437 14.53 8.32 -5.42
CA PRO B 437 13.65 9.02 -4.49
C PRO B 437 14.26 9.24 -3.10
N CYS B 438 13.77 10.29 -2.45
CA CYS B 438 14.15 10.67 -1.09
C CYS B 438 12.89 10.96 -0.28
N ALA B 439 12.92 10.61 1.02
CA ALA B 439 11.80 10.89 1.92
C ALA B 439 12.34 11.67 3.10
N VAL B 440 11.61 12.72 3.51
CA VAL B 440 11.90 13.51 4.72
C VAL B 440 10.67 13.44 5.61
N ARG B 441 10.81 12.94 6.85
CA ARG B 441 9.63 12.73 7.69
C ARG B 441 9.74 13.57 8.96
N TYR B 442 8.61 14.16 9.37
CA TYR B 442 8.66 15.09 10.49
C TYR B 442 7.31 15.04 11.15
N PRO B 443 7.24 15.38 12.42
CA PRO B 443 6.00 15.23 13.18
C PRO B 443 5.05 16.42 12.99
N ARG B 444 3.82 16.20 13.40
CA ARG B 444 2.91 17.31 13.65
C ARG B 444 3.42 18.14 14.82
N GLY B 445 3.34 19.47 14.69
CA GLY B 445 3.70 20.32 15.82
C GLY B 445 4.89 21.20 15.52
N SER B 446 5.36 21.88 16.58
CA SER B 446 6.36 22.92 16.48
C SER B 446 7.77 22.36 16.62
N GLY B 447 8.73 23.08 16.05
CA GLY B 447 10.12 22.74 16.17
C GLY B 447 10.71 23.43 17.38
N THR B 448 12.04 23.51 17.39
CA THR B 448 12.76 23.92 18.59
C THR B 448 13.01 25.42 18.65
N GLY B 449 12.89 26.12 17.52
CA GLY B 449 13.38 27.47 17.39
C GLY B 449 14.76 27.54 16.81
N ALA B 450 15.25 26.47 16.21
CA ALA B 450 16.57 26.44 15.60
C ALA B 450 16.75 27.56 14.58
N THR B 451 17.93 28.19 14.58
CA THR B 451 18.22 29.18 13.57
C THR B 451 18.29 28.51 12.20
N LEU B 452 17.69 29.14 11.21
CA LEU B 452 17.60 28.62 9.85
C LEU B 452 18.85 29.04 9.10
N GLU B 453 19.70 28.11 8.83
CA GLU B 453 20.96 28.40 8.18
C GLU B 453 20.81 28.39 6.67
N PRO B 454 21.76 28.99 5.95
CA PRO B 454 21.73 28.93 4.48
C PRO B 454 21.65 27.48 4.01
N LEU B 455 20.95 27.28 2.90
CA LEU B 455 20.68 25.90 2.46
C LEU B 455 21.85 25.33 1.67
N ALA B 456 22.21 24.07 1.98
CA ALA B 456 23.19 23.33 1.18
C ALA B 456 22.93 21.85 1.38
N SER B 457 23.29 21.05 0.37
CA SER B 457 23.01 19.63 0.43
C SER B 457 23.82 19.00 1.57
N LEU B 458 23.16 18.10 2.32
CA LEU B 458 23.86 17.41 3.38
C LEU B 458 24.59 16.19 2.84
N PRO B 459 25.81 15.91 3.28
CA PRO B 459 26.50 14.72 2.80
C PRO B 459 25.65 13.49 3.10
N ILE B 460 25.41 12.67 2.07
CA ILE B 460 24.47 11.57 2.14
C ILE B 460 24.98 10.48 3.09
N GLY B 461 24.08 10.01 3.95
CA GLY B 461 24.41 8.90 4.86
C GLY B 461 25.49 9.23 5.86
N LYS B 462 25.51 10.48 6.36
CA LYS B 462 26.48 10.94 7.34
C LYS B 462 25.73 11.55 8.52
N GLY B 463 26.10 11.16 9.76
CA GLY B 463 25.51 11.72 10.94
C GLY B 463 26.43 12.76 11.56
N VAL B 464 25.95 13.41 12.62
CA VAL B 464 26.66 14.51 13.29
C VAL B 464 26.85 14.16 14.76
N VAL B 465 28.09 14.26 15.23
CA VAL B 465 28.37 14.09 16.65
C VAL B 465 27.97 15.36 17.40
N LYS B 466 27.09 15.21 18.39
CA LYS B 466 26.64 16.34 19.20
C LYS B 466 27.37 16.43 20.53
N ARG B 467 27.74 15.30 21.11
CA ARG B 467 28.38 15.31 22.43
C ARG B 467 29.32 14.12 22.48
N GLN B 468 30.50 14.32 23.06
CA GLN B 468 31.42 13.22 23.29
C GLN B 468 31.38 12.86 24.77
N GLY B 469 31.11 11.58 25.06
CA GLY B 469 31.11 11.10 26.43
C GLY B 469 31.83 9.76 26.51
N GLU B 470 31.29 8.88 27.34
CA GLU B 470 31.96 7.60 27.53
C GLU B 470 30.94 6.55 27.93
N LYS B 471 31.30 5.29 27.67
CA LYS B 471 30.56 4.11 28.11
C LYS B 471 29.34 3.82 27.23
N ILE B 472 28.51 4.83 26.99
CA ILE B 472 27.26 4.72 26.26
C ILE B 472 27.29 5.71 25.11
N ALA B 473 26.72 5.34 23.96
CA ALA B 473 26.50 6.30 22.87
C ALA B 473 25.05 6.22 22.43
N ILE B 474 24.43 7.38 22.26
CA ILE B 474 23.02 7.46 21.89
C ILE B 474 22.94 7.92 20.44
N LEU B 475 22.28 7.12 19.61
CA LEU B 475 22.12 7.38 18.19
C LEU B 475 20.68 7.81 17.94
N ASN B 476 20.49 9.11 17.66
CA ASN B 476 19.16 9.70 17.51
C ASN B 476 18.76 9.80 16.04
N PHE B 477 17.53 9.41 15.76
CA PHE B 477 16.89 9.63 14.45
C PHE B 477 15.65 10.47 14.65
N GLY B 478 15.75 11.78 14.40
CA GLY B 478 14.54 12.60 14.38
C GLY B 478 14.39 13.56 15.54
N THR B 479 13.14 13.91 15.86
CA THR B 479 12.89 15.10 16.68
C THR B 479 12.85 14.83 18.18
N LEU B 480 13.25 13.66 18.63
CA LEU B 480 13.47 13.46 20.07
C LEU B 480 14.89 13.84 20.52
N LEU B 481 15.68 14.47 19.64
CA LEU B 481 17.05 14.83 19.99
C LEU B 481 17.16 15.69 21.26
N PRO B 482 16.31 16.68 21.51
CA PRO B 482 16.45 17.44 22.76
C PRO B 482 16.39 16.57 23.99
N GLU B 483 15.56 15.52 23.93
CA GLU B 483 15.44 14.57 25.03
C GLU B 483 16.70 13.72 25.16
N ALA B 484 17.16 13.12 24.06
CA ALA B 484 18.45 12.44 24.05
C ALA B 484 19.56 13.35 24.59
N ALA B 485 19.51 14.64 24.26
CA ALA B 485 20.56 15.56 24.71
C ALA B 485 20.56 15.73 26.23
N ALA B 486 19.38 15.89 26.84
CA ALA B 486 19.34 15.97 28.30
C ALA B 486 19.90 14.68 28.90
N VAL B 487 19.44 13.51 28.43
CA VAL B 487 19.92 12.23 28.94
C VAL B 487 21.44 12.12 28.78
N ALA B 488 21.94 12.50 27.60
CA ALA B 488 23.36 12.40 27.32
C ALA B 488 24.17 13.22 28.32
N ASP B 489 23.65 14.40 28.69
CA ASP B 489 24.29 15.21 29.72
C ASP B 489 24.30 14.48 31.07
N LYS B 490 23.14 13.97 31.49
CA LYS B 490 23.04 13.33 32.80
C LYS B 490 23.95 12.12 32.93
N LEU B 491 24.04 11.32 31.87
CA LEU B 491 24.78 10.08 31.88
C LEU B 491 26.21 10.24 31.37
N ASN B 492 26.61 11.42 30.95
CA ASN B 492 27.90 11.61 30.26
C ASN B 492 28.05 10.66 29.08
N ALA B 493 26.96 10.48 28.35
CA ALA B 493 26.93 9.63 27.16
C ALA B 493 27.36 10.41 25.92
N THR B 494 27.90 9.71 24.94
CA THR B 494 28.11 10.28 23.61
C THR B 494 26.76 10.41 22.91
N LEU B 495 26.60 11.47 22.10
CA LEU B 495 25.33 11.70 21.44
C LEU B 495 25.57 12.02 19.97
N VAL B 496 24.80 11.39 19.09
CA VAL B 496 24.94 11.51 17.65
C VAL B 496 23.58 11.80 17.03
N ASP B 497 23.51 12.78 16.14
CA ASP B 497 22.28 12.99 15.37
C ASP B 497 22.45 12.26 14.03
N MET B 498 21.74 11.11 13.84
CA MET B 498 22.13 10.25 12.72
C MET B 498 21.72 10.80 11.36
N ARG B 499 20.66 11.62 11.28
CA ARG B 499 20.18 12.28 10.06
C ARG B 499 19.55 11.34 9.04
N PHE B 500 20.24 10.25 8.69
CA PHE B 500 19.82 9.36 7.62
C PHE B 500 19.43 8.00 8.21
N VAL B 501 18.20 7.59 7.98
CA VAL B 501 17.82 6.19 8.26
C VAL B 501 18.38 5.26 7.20
N LYS B 502 18.49 5.75 5.97
CA LYS B 502 18.99 4.98 4.82
C LYS B 502 19.50 5.98 3.77
N PRO B 503 20.74 5.85 3.34
CA PRO B 503 21.70 4.86 3.85
C PRO B 503 22.23 5.28 5.24
N LEU B 504 22.53 4.33 6.12
CA LEU B 504 23.10 4.65 7.44
C LEU B 504 24.57 5.03 7.32
N ASP B 505 25.04 5.85 8.27
CA ASP B 505 26.46 6.16 8.45
C ASP B 505 27.14 4.94 9.08
N THR B 506 27.42 3.95 8.24
CA THR B 506 28.07 2.72 8.69
C THR B 506 29.40 2.98 9.38
N ALA B 507 30.24 3.83 8.78
CA ALA B 507 31.55 4.12 9.36
C ALA B 507 31.42 4.62 10.79
N LEU B 508 30.43 5.49 11.03
CA LEU B 508 30.28 6.07 12.36
C LEU B 508 29.73 5.05 13.34
N ILE B 509 28.74 4.24 12.92
CA ILE B 509 28.22 3.19 13.78
C ILE B 509 29.37 2.32 14.29
N LEU B 510 30.25 1.91 13.38
CA LEU B 510 31.32 1.00 13.78
C LEU B 510 32.33 1.70 14.67
N GLN B 511 32.57 2.99 14.42
CA GLN B 511 33.47 3.73 15.31
C GLN B 511 32.85 3.87 16.71
N LEU B 512 31.57 4.20 16.81
CA LEU B 512 30.91 4.28 18.12
C LEU B 512 30.96 2.95 18.85
N ALA B 513 30.69 1.84 18.13
CA ALA B 513 30.71 0.51 18.77
C ALA B 513 32.10 0.16 19.30
N GLY B 514 33.14 0.49 18.54
CA GLY B 514 34.50 0.27 19.02
C GLY B 514 34.94 1.16 20.19
N GLU B 515 34.18 2.20 20.51
CA GLU B 515 34.59 3.16 21.52
C GLU B 515 33.67 3.20 22.73
N HIS B 516 32.62 2.39 22.75
CA HIS B 516 31.64 2.38 23.84
C HIS B 516 31.28 0.94 24.21
N ASP B 517 30.80 0.75 25.44
CA ASP B 517 30.33 -0.56 25.89
C ASP B 517 28.92 -0.87 25.42
N ALA B 518 28.15 0.14 25.04
CA ALA B 518 26.77 -0.10 24.65
C ALA B 518 26.31 1.07 23.80
N LEU B 519 25.41 0.77 22.88
CA LEU B 519 24.76 1.80 22.09
C LEU B 519 23.28 1.87 22.44
N VAL B 520 22.68 3.02 22.16
CA VAL B 520 21.25 3.26 22.32
C VAL B 520 20.78 3.91 21.02
N THR B 521 19.68 3.43 20.46
CA THR B 521 19.06 4.11 19.33
C THR B 521 17.73 4.70 19.76
N LEU B 522 17.37 5.84 19.15
CA LEU B 522 16.16 6.55 19.51
C LEU B 522 15.45 6.99 18.24
N GLU B 523 14.16 6.65 18.13
CA GLU B 523 13.39 7.06 16.95
C GLU B 523 11.91 7.14 17.33
N GLU B 524 11.14 7.93 16.60
CA GLU B 524 9.71 7.97 16.84
C GLU B 524 8.98 7.17 15.76
N ASN B 525 9.17 5.86 15.85
CA ASN B 525 8.76 4.87 14.84
C ASN B 525 8.78 3.53 15.55
N ALA B 526 8.01 2.60 15.02
CA ALA B 526 8.04 1.22 15.50
C ALA B 526 9.49 0.79 15.72
N ILE B 527 9.75 0.19 16.89
CA ILE B 527 11.04 -0.47 17.07
C ILE B 527 11.22 -1.58 16.03
N MET B 528 10.18 -2.38 15.83
CA MET B 528 10.26 -3.50 14.88
C MET B 528 10.50 -2.98 13.46
N GLY B 529 11.65 -3.32 12.90
CA GLY B 529 11.97 -2.92 11.53
C GLY B 529 12.47 -1.51 11.41
N GLY B 530 12.61 -0.78 12.52
CA GLY B 530 12.81 0.65 12.43
C GLY B 530 14.24 1.07 12.19
N ALA B 531 14.53 2.35 12.42
CA ALA B 531 15.86 2.85 12.14
C ALA B 531 16.92 2.16 13.01
N GLY B 532 16.59 1.96 14.30
CA GLY B 532 17.56 1.36 15.22
C GLY B 532 17.80 -0.09 14.86
N SER B 533 16.74 -0.77 14.42
CA SER B 533 16.85 -2.12 13.83
C SER B 533 17.88 -2.13 12.70
N GLY B 534 17.94 -1.07 11.90
CA GLY B 534 18.95 -1.07 10.85
C GLY B 534 20.35 -0.91 11.39
N VAL B 535 20.50 -0.20 12.51
CA VAL B 535 21.80 -0.15 13.14
C VAL B 535 22.21 -1.53 13.62
N ASN B 536 21.28 -2.25 14.26
CA ASN B 536 21.55 -3.64 14.66
C ASN B 536 22.10 -4.42 13.48
N GLU B 537 21.46 -4.27 12.32
CA GLU B 537 21.85 -5.07 11.18
C GLU B 537 23.28 -4.76 10.76
N VAL B 538 23.68 -3.49 10.79
CA VAL B 538 25.05 -3.15 10.41
C VAL B 538 26.04 -3.79 11.36
N LEU B 539 25.77 -3.69 12.67
CA LEU B 539 26.70 -4.24 13.63
C LEU B 539 26.79 -5.76 13.46
N MET B 540 25.65 -6.40 13.23
CA MET B 540 25.68 -7.84 13.10
C MET B 540 26.42 -8.24 11.84
N ALA B 541 26.18 -7.51 10.75
CA ALA B 541 26.90 -7.79 9.51
C ALA B 541 28.40 -7.72 9.71
N HIS B 542 28.89 -6.83 10.58
CA HIS B 542 30.32 -6.73 10.85
C HIS B 542 30.76 -7.61 12.03
N ARG B 543 29.93 -8.56 12.41
CA ARG B 543 30.21 -9.52 13.48
C ARG B 543 30.76 -8.78 14.71
N ARG B 544 30.10 -7.68 15.06
CA ARG B 544 30.39 -7.02 16.32
C ARG B 544 29.61 -7.66 17.46
N ALA B 545 30.00 -7.32 18.68
CA ALA B 545 29.37 -7.90 19.88
C ALA B 545 29.15 -6.80 20.91
N VAL B 546 28.52 -5.72 20.48
CA VAL B 546 28.17 -4.61 21.36
C VAL B 546 26.65 -4.53 21.41
N PRO B 547 26.03 -4.57 22.58
CA PRO B 547 24.56 -4.60 22.63
C PRO B 547 24.00 -3.23 22.32
N VAL B 548 22.76 -3.23 21.84
CA VAL B 548 22.09 -1.98 21.43
C VAL B 548 20.71 -1.96 22.05
N LEU B 549 20.40 -0.89 22.78
CA LEU B 549 19.05 -0.68 23.28
C LEU B 549 18.28 0.13 22.24
N ASN B 550 17.25 -0.49 21.62
CA ASN B 550 16.43 0.20 20.62
C ASN B 550 15.22 0.81 21.31
N ILE B 551 15.14 2.13 21.30
CA ILE B 551 14.06 2.87 21.92
C ILE B 551 13.17 3.42 20.80
N GLY B 552 11.88 3.19 20.91
CA GLY B 552 10.97 3.66 19.88
C GLY B 552 9.57 3.26 20.28
N LEU B 553 8.68 3.19 19.28
CA LEU B 553 7.26 2.88 19.52
C LEU B 553 7.09 1.40 19.82
N PRO B 554 6.32 1.04 20.85
CA PRO B 554 6.13 -0.37 21.20
C PRO B 554 5.24 -1.06 20.20
N ASP B 555 5.10 -2.38 20.38
CA ASP B 555 4.39 -3.17 19.32
C ASP B 555 2.89 -3.23 19.57
N TYR B 556 2.25 -2.07 19.71
CA TYR B 556 0.79 -1.95 19.78
C TYR B 556 0.40 -0.63 19.16
N PHE B 557 -0.85 -0.53 18.70
CA PHE B 557 -1.32 0.71 18.08
C PHE B 557 -1.51 1.78 19.17
N ILE B 558 -1.09 3.00 18.88
CA ILE B 558 -0.93 3.96 19.98
C ILE B 558 -2.20 4.75 20.18
N PRO B 559 -2.72 4.88 21.39
CA PRO B 559 -4.05 5.47 21.58
C PRO B 559 -3.94 6.99 21.61
N GLN B 560 -5.10 7.62 21.70
CA GLN B 560 -5.21 9.07 21.56
C GLN B 560 -4.77 9.76 22.85
N GLY B 561 -4.38 11.02 22.70
CA GLY B 561 -3.98 11.85 23.83
C GLY B 561 -3.24 13.05 23.25
N THR B 562 -2.78 13.93 24.14
CA THR B 562 -1.89 14.95 23.58
C THR B 562 -0.58 14.29 23.20
N GLN B 563 0.13 14.89 22.26
CA GLN B 563 1.41 14.34 21.86
C GLN B 563 2.36 14.26 23.05
N GLU B 564 2.40 15.33 23.85
CA GLU B 564 3.30 15.33 24.98
C GLU B 564 2.98 14.21 25.95
N GLU B 565 1.70 14.02 26.28
CA GLU B 565 1.40 13.04 27.33
C GLU B 565 1.53 11.61 26.82
N ILE B 566 1.31 11.39 25.52
CA ILE B 566 1.46 10.02 25.01
C ILE B 566 2.93 9.67 24.88
N ARG B 567 3.75 10.62 24.40
CA ARG B 567 5.20 10.43 24.48
C ARG B 567 5.64 10.13 25.90
N ALA B 568 5.11 10.85 26.89
CA ALA B 568 5.52 10.58 28.25
C ALA B 568 5.13 9.16 28.66
N ASP B 569 3.91 8.75 28.28
CA ASP B 569 3.41 7.42 28.63
C ASP B 569 4.30 6.33 28.05
N LEU B 570 4.76 6.51 26.83
CA LEU B 570 5.59 5.54 26.14
C LEU B 570 7.05 5.63 26.53
N GLY B 571 7.41 6.55 27.44
CA GLY B 571 8.78 6.68 27.91
C GLY B 571 9.71 7.36 26.92
N LEU B 572 9.17 8.22 26.06
CA LEU B 572 9.94 8.89 25.02
C LEU B 572 10.31 10.32 25.40
N ASP B 573 10.21 10.67 26.67
CA ASP B 573 10.78 11.93 27.14
C ASP B 573 12.10 11.63 27.85
N ALA B 574 12.80 12.68 28.26
CA ALA B 574 14.13 12.50 28.86
C ALA B 574 14.08 11.52 30.04
N ALA B 575 13.09 11.67 30.91
CA ALA B 575 12.96 10.83 32.09
C ALA B 575 12.77 9.35 31.73
N GLY B 576 11.88 9.07 30.77
CA GLY B 576 11.61 7.70 30.39
C GLY B 576 12.78 7.07 29.67
N ILE B 577 13.46 7.85 28.82
CA ILE B 577 14.65 7.36 28.14
C ILE B 577 15.75 7.03 29.15
N GLU B 578 15.99 7.94 30.10
CA GLU B 578 17.00 7.64 31.11
C GLU B 578 16.66 6.35 31.85
N ALA B 579 15.39 6.20 32.24
CA ALA B 579 14.97 5.02 32.98
C ALA B 579 15.17 3.74 32.16
N LYS B 580 14.85 3.76 30.86
CA LYS B 580 14.99 2.59 30.00
C LYS B 580 16.44 2.16 29.90
N ILE B 581 17.35 3.13 29.78
CA ILE B 581 18.78 2.83 29.72
C ILE B 581 19.26 2.22 31.03
N ARG B 582 18.92 2.85 32.14
CA ARG B 582 19.38 2.35 33.43
C ARG B 582 18.82 0.97 33.71
N ASP B 583 17.55 0.73 33.38
CA ASP B 583 16.94 -0.58 33.62
C ASP B 583 17.62 -1.67 32.79
N TRP B 584 17.90 -1.37 31.52
CA TRP B 584 18.48 -2.34 30.59
C TRP B 584 19.94 -2.66 30.92
N LEU B 585 20.68 -1.68 31.44
CA LEU B 585 22.08 -1.92 31.88
C LEU B 585 22.22 -2.63 33.24
N1' TPP C . -6.86 10.16 3.26
C2' TPP C . -7.41 9.02 3.71
CM2 TPP C . -7.05 7.71 2.98
N3' TPP C . -8.27 9.04 4.73
C4' TPP C . -8.56 10.23 5.36
N4' TPP C . -9.46 10.27 6.51
C5' TPP C . -8.01 11.45 4.92
C6' TPP C . -7.12 11.37 3.83
C7' TPP C . -8.33 12.85 5.59
N3 TPP C . -9.80 13.22 5.59
C2 TPP C . -10.55 13.09 6.70
S1 TPP C . -12.12 13.59 6.31
C5 TPP C . -11.87 14.01 4.69
C4 TPP C . -10.48 13.73 4.49
CM4 TPP C . -9.77 13.96 3.17
C6 TPP C . -12.93 14.57 3.70
C7 TPP C . -14.31 13.88 3.83
O7 TPP C . -15.11 14.53 4.78
PA TPP C . -16.06 15.82 4.30
O1A TPP C . -16.09 15.90 2.84
O2A TPP C . -15.44 17.10 4.67
O3A TPP C . -17.61 15.70 4.87
PB TPP C . -18.28 14.43 5.72
O1B TPP C . -17.73 14.28 7.10
O2B TPP C . -19.71 14.71 5.78
O3B TPP C . -18.17 12.95 4.98
HM21 TPP C . -7.19 7.83 1.91
HM22 TPP C . -6.01 7.46 3.18
HM23 TPP C . -7.68 6.90 3.35
HN41 TPP C . -10.38 9.87 6.46
HN42 TPP C . -9.14 10.67 7.36
H6' TPP C . -6.64 12.26 3.46
H7'1 TPP C . -7.79 13.62 5.05
H7'2 TPP C . -7.99 12.82 6.61
H2 TPP C . -10.20 12.73 7.66
HM41 TPP C . -9.31 13.03 2.84
HM42 TPP C . -9.00 14.70 3.31
HM43 TPP C . -10.48 14.30 2.43
H61 TPP C . -12.57 14.44 2.69
H62 TPP C . -13.06 15.63 3.90
H71 TPP C . -14.80 13.89 2.87
H72 TPP C . -14.16 12.84 4.15
H141 TPP C . -13.23 13.65 7.04
MG MG D . -18.79 15.04 3.12
#